data_2JEA
#
_entry.id   2JEA
#
_cell.length_a   135.850
_cell.length_b   135.850
_cell.length_c   135.850
_cell.angle_alpha   90.00
_cell.angle_beta   90.00
_cell.angle_gamma   90.00
#
_symmetry.space_group_name_H-M   'P 21 3'
#
loop_
_entity.id
_entity.type
_entity.pdbx_description
1 polymer 'EXOSOME COMPLEX EXONUCLEASE 2'
2 polymer 'EXOSOME COMPLEX EXONUCLEASE 1'
3 polymer RNA
4 polymer 'EXOSOME COMPLEX RNA-BINDING PROTEIN 1'
5 non-polymer 'PENTAETHYLENE GLYCOL'
6 water water
#
loop_
_entity_poly.entity_id
_entity_poly.type
_entity_poly.pdbx_seq_one_letter_code
_entity_poly.pdbx_strand_id
1 'polypeptide(L)'
;GHMSSTPSNQNIIPIIKKESIVSLFEKGIRQDGRKLTDYRPLSITLDYAKKADGSALVKLGTTMVLAGTKLEIDKPYEDT
PNQGNLIVNVELLPLAYETFEPGPPDENAIELARVVDRSLRDSKALDLTKLVIEPGKSVWTVWLDVYVLDYGGNVLDACT
LASVAALYNTKVYKVEQHSNGISVNKNEVVGKLPLNYPVVTISVAKVDKYLVVDPDLDEESIMDAKISFSYTPDLKIVGI
QKSGKGSMSLQDIDQAENTARSTAVKLLEELKKHLGI
;
A
2 'polypeptide(L)'
;GHMREMLQVERPKLILDDGKRTDGRKPDELRSIKIELGVLKNADGSAIFEMGNTKAIAAVYGPKEMHPRHLSLPDRAVLR
VRYHMTPFSTDERKNPAPSRREIELSKVIREALESAVLVELFPRTAIDVFTEILQADAGSRLVSLMAASLALADAGIPMR
DLIAGVAVGKADGVIILDLNETEAMWGEADMPIAMMPSLNQVTLFQLNGSMTPDEFRQAFDLAVKGINIIYNLEREALKS
KYVEFKEEGV
;
B
3 'polyribonucleotide' CCCCCCCCGAAAGGGGGGGGAAAAAAAAAAAAAAA C
4 'polypeptide(L)'
;GHMNMSQSQEIVLQPRSIVVPGELLAEGEFQIPWSPYILKINSKYYSTVVGLFDVKDTQFEVIPLEGSFYYPKINDIVIG
LVEDVEIYGWVVDIKAPYKAYLPASNLLGRSINVGEDLRRYLDVGDYVIARIENFDRSIDPVLSVKGKDLGRVSNGIVID
IMPVKVPRVIGKNKSMYETLTSKSGCSIFVANNGRIWATCPSRFSEEILIEAIRKIENESHIKGLTDRIKQFIEEKLGER
NASSGETKTNS
;
I
#
loop_
_chem_comp.id
_chem_comp.type
_chem_comp.name
_chem_comp.formula
1PE non-polymer 'PENTAETHYLENE GLYCOL' 'C10 H22 O6'
A RNA linking ADENOSINE-5'-MONOPHOSPHATE 'C10 H14 N5 O7 P'
C RNA linking CYTIDINE-5'-MONOPHOSPHATE 'C9 H14 N3 O8 P'
G RNA linking GUANOSINE-5'-MONOPHOSPHATE 'C10 H14 N5 O8 P'
#
# COMPACT_ATOMS: atom_id res chain seq x y z
N GLY A 1 -8.21 2.46 -22.33
CA GLY A 1 -6.78 2.25 -21.92
C GLY A 1 -6.49 2.83 -20.53
N HIS A 2 -5.25 2.61 -20.06
CA HIS A 2 -4.79 2.91 -18.67
C HIS A 2 -3.38 2.30 -18.46
N MET A 3 -2.61 2.78 -17.47
N MET A 3 -2.62 2.84 -17.50
CA MET A 3 -1.30 2.24 -17.21
CA MET A 3 -1.24 2.44 -17.20
C MET A 3 -0.79 2.49 -15.80
C MET A 3 -0.97 2.34 -15.71
N SER A 4 0.05 1.58 -15.33
CA SER A 4 0.55 1.57 -13.95
C SER A 4 1.85 2.36 -13.87
N SER A 5 1.87 3.37 -13.01
CA SER A 5 3.01 4.29 -12.88
C SER A 5 3.63 4.20 -11.50
N THR A 6 4.92 4.50 -11.43
CA THR A 6 5.59 4.58 -10.15
C THR A 6 4.91 5.71 -9.37
N PRO A 7 4.48 5.46 -8.13
CA PRO A 7 3.86 6.53 -7.37
C PRO A 7 4.83 7.69 -7.06
N SER A 8 4.34 8.92 -7.29
CA SER A 8 4.97 10.16 -6.79
C SER A 8 4.33 10.46 -5.42
N ASN A 9 4.98 9.92 -4.36
CA ASN A 9 4.27 9.29 -3.22
C ASN A 9 4.36 9.93 -1.82
N GLN A 10 4.41 11.27 -1.75
CA GLN A 10 4.19 12.05 -0.52
C GLN A 10 4.96 11.62 0.75
N ASN A 11 4.51 10.51 1.36
CA ASN A 11 5.07 10.02 2.63
C ASN A 11 6.60 10.07 2.64
N ILE A 12 7.14 11.27 2.82
CA ILE A 12 8.57 11.46 2.87
C ILE A 12 8.93 11.38 4.34
N ILE A 13 9.14 10.17 4.85
CA ILE A 13 9.43 10.03 6.28
C ILE A 13 10.87 10.44 6.53
N PRO A 14 11.11 11.14 7.65
CA PRO A 14 12.46 11.63 7.93
C PRO A 14 13.53 10.55 8.05
N ILE A 15 14.71 10.86 7.53
CA ILE A 15 15.90 10.03 7.67
C ILE A 15 16.02 9.56 9.13
N ILE A 16 16.01 10.54 10.03
CA ILE A 16 16.08 10.32 11.48
C ILE A 16 15.16 9.21 11.93
N LYS A 17 13.91 9.26 11.45
CA LYS A 17 12.86 8.36 11.90
C LYS A 17 13.11 6.93 11.44
N LYS A 18 13.73 6.76 10.28
CA LYS A 18 14.05 5.40 9.79
C LYS A 18 14.96 4.67 10.77
N GLU A 19 16.03 5.34 11.19
CA GLU A 19 16.97 4.78 12.17
C GLU A 19 16.24 4.30 13.43
N SER A 20 15.29 5.10 13.89
CA SER A 20 14.59 4.83 15.15
C SER A 20 13.66 3.61 15.11
N ILE A 21 12.97 3.42 13.99
CA ILE A 21 11.96 2.36 13.87
C ILE A 21 12.58 0.97 14.03
N VAL A 22 13.81 0.83 13.52
CA VAL A 22 14.46 -0.46 13.45
C VAL A 22 15.44 -0.67 14.61
N SER A 23 15.70 0.41 15.35
CA SER A 23 16.63 0.39 16.47
C SER A 23 16.47 -0.83 17.36
N LEU A 24 15.21 -1.16 17.70
CA LEU A 24 14.92 -2.22 18.68
C LEU A 24 14.61 -3.54 18.02
N PHE A 25 14.76 -3.58 16.70
CA PHE A 25 14.59 -4.81 15.95
C PHE A 25 15.62 -5.83 16.40
N GLU A 26 16.82 -5.38 16.75
CA GLU A 26 17.82 -6.25 17.34
C GLU A 26 17.30 -7.00 18.58
N LYS A 27 16.56 -6.31 19.45
CA LYS A 27 15.96 -6.95 20.63
C LYS A 27 14.68 -7.74 20.30
N GLY A 28 14.36 -7.86 19.01
CA GLY A 28 13.15 -8.55 18.56
C GLY A 28 11.87 -7.77 18.71
N ILE A 29 12.00 -6.46 18.98
CA ILE A 29 10.81 -5.62 19.22
C ILE A 29 10.78 -4.31 18.38
N ARG A 30 9.61 -3.67 18.35
CA ARG A 30 9.37 -2.55 17.44
C ARG A 30 9.14 -1.23 18.13
N GLN A 31 8.88 -0.20 17.31
CA GLN A 31 8.54 1.15 17.81
C GLN A 31 7.42 1.15 18.86
N ASP A 32 6.37 0.37 18.61
CA ASP A 32 5.25 0.22 19.56
C ASP A 32 5.47 -0.87 20.63
N GLY A 33 6.73 -1.18 20.93
CA GLY A 33 7.07 -2.28 21.83
C GLY A 33 6.73 -3.70 21.41
N ARG A 34 6.22 -3.93 20.21
CA ARG A 34 5.74 -5.27 19.89
C ARG A 34 6.79 -6.17 19.22
N LYS A 35 6.55 -7.48 19.29
CA LYS A 35 7.50 -8.45 18.77
C LYS A 35 7.41 -8.45 17.25
N LEU A 36 8.52 -8.75 16.59
CA LEU A 36 8.59 -8.66 15.14
C LEU A 36 7.57 -9.53 14.44
N THR A 37 7.11 -10.56 15.15
CA THR A 37 6.08 -11.51 14.67
C THR A 37 4.66 -11.26 15.19
N ASP A 38 4.48 -10.23 16.01
CA ASP A 38 3.18 -9.92 16.59
C ASP A 38 2.32 -9.05 15.65
N TYR A 39 1.01 -9.29 15.66
CA TYR A 39 0.01 -8.37 15.13
C TYR A 39 -0.36 -7.27 16.14
N ARG A 40 -0.83 -6.15 15.62
CA ARG A 40 -1.34 -5.06 16.46
C ARG A 40 -2.63 -5.53 17.15
N PRO A 41 -3.09 -4.78 18.17
CA PRO A 41 -4.40 -5.10 18.73
C PRO A 41 -5.48 -5.25 17.65
N LEU A 42 -6.28 -6.30 17.78
CA LEU A 42 -7.31 -6.61 16.82
C LEU A 42 -8.67 -6.54 17.52
N SER A 43 -9.60 -5.76 16.96
CA SER A 43 -10.99 -5.85 17.36
C SER A 43 -11.89 -6.07 16.14
N ILE A 44 -13.01 -6.73 16.39
CA ILE A 44 -13.96 -7.09 15.35
C ILE A 44 -15.37 -6.94 15.89
N THR A 45 -16.05 -5.94 15.37
CA THR A 45 -17.40 -5.64 15.76
C THR A 45 -18.28 -6.18 14.61
N LEU A 46 -19.05 -7.24 14.90
CA LEU A 46 -19.97 -7.81 13.91
C LEU A 46 -21.28 -7.06 13.92
N ASP A 47 -22.01 -7.20 12.82
CA ASP A 47 -23.28 -6.53 12.60
CA ASP A 47 -23.28 -6.52 12.62
C ASP A 47 -23.17 -5.00 12.80
N TYR A 48 -21.99 -4.46 12.54
CA TYR A 48 -21.83 -3.00 12.64
C TYR A 48 -22.76 -2.25 11.67
N ALA A 49 -22.84 -2.70 10.41
CA ALA A 49 -23.67 -2.02 9.41
C ALA A 49 -25.01 -2.71 9.31
N LYS A 50 -26.03 -2.10 9.90
CA LYS A 50 -27.29 -2.80 10.21
C LYS A 50 -28.18 -3.14 9.00
N LYS A 51 -28.00 -2.45 7.89
CA LYS A 51 -28.76 -2.79 6.69
C LYS A 51 -27.94 -3.73 5.78
N ALA A 52 -26.75 -4.11 6.24
CA ALA A 52 -25.98 -5.16 5.59
C ALA A 52 -26.47 -6.52 6.06
N ASP A 53 -26.38 -7.50 5.17
CA ASP A 53 -26.83 -8.86 5.44
C ASP A 53 -25.89 -9.51 6.42
N GLY A 54 -24.62 -9.15 6.33
CA GLY A 54 -23.60 -9.44 7.32
C GLY A 54 -22.52 -8.37 7.27
N SER A 55 -21.89 -8.06 8.40
CA SER A 55 -20.93 -6.97 8.45
C SER A 55 -19.91 -7.15 9.55
N ALA A 56 -18.78 -6.47 9.38
CA ALA A 56 -17.67 -6.56 10.30
C ALA A 56 -16.78 -5.32 10.18
N LEU A 57 -16.72 -4.56 11.25
CA LEU A 57 -15.79 -3.47 11.46
C LEU A 57 -14.56 -4.06 12.12
N VAL A 58 -13.46 -4.00 11.40
CA VAL A 58 -12.18 -4.49 11.86
C VAL A 58 -11.27 -3.31 12.17
N LYS A 59 -10.66 -3.37 13.35
CA LYS A 59 -9.63 -2.44 13.79
C LYS A 59 -8.37 -3.21 14.13
N LEU A 60 -7.32 -2.94 13.37
CA LEU A 60 -6.00 -3.54 13.50
C LEU A 60 -5.03 -2.39 13.63
N GLY A 61 -4.62 -2.12 14.87
CA GLY A 61 -3.97 -0.86 15.18
C GLY A 61 -4.87 0.30 14.78
N THR A 62 -4.32 1.20 13.97
CA THR A 62 -5.07 2.35 13.50
C THR A 62 -5.70 2.09 12.13
N THR A 63 -5.51 0.90 11.58
CA THR A 63 -6.22 0.52 10.38
C THR A 63 -7.66 0.13 10.73
N MET A 64 -8.60 0.66 9.96
CA MET A 64 -10.01 0.41 10.18
C MET A 64 -10.70 0.14 8.83
N VAL A 65 -11.39 -0.99 8.79
CA VAL A 65 -12.00 -1.56 7.59
C VAL A 65 -13.43 -2.03 7.90
N LEU A 66 -14.40 -1.55 7.12
CA LEU A 66 -15.75 -2.04 7.25
C LEU A 66 -16.13 -2.87 6.03
N ALA A 67 -16.30 -4.17 6.21
CA ALA A 67 -16.86 -4.99 5.17
C ALA A 67 -18.33 -5.26 5.44
N GLY A 68 -19.11 -5.28 4.36
CA GLY A 68 -20.50 -5.65 4.46
C GLY A 68 -20.91 -6.41 3.24
N THR A 69 -21.89 -7.29 3.42
CA THR A 69 -22.41 -8.13 2.37
C THR A 69 -23.86 -7.79 2.08
N LYS A 70 -24.23 -7.87 0.80
CA LYS A 70 -25.63 -7.88 0.40
C LYS A 70 -25.86 -9.11 -0.50
N LEU A 71 -26.93 -9.85 -0.24
CA LEU A 71 -27.28 -11.00 -1.06
C LEU A 71 -28.43 -10.72 -2.00
N GLU A 72 -28.24 -11.09 -3.26
CA GLU A 72 -29.29 -10.99 -4.25
C GLU A 72 -29.46 -12.34 -4.94
N ILE A 73 -30.69 -12.61 -5.37
CA ILE A 73 -30.98 -13.78 -6.16
C ILE A 73 -30.67 -13.42 -7.60
N ASP A 74 -30.08 -14.36 -8.32
CA ASP A 74 -29.46 -14.06 -9.60
C ASP A 74 -29.48 -15.25 -10.50
N LYS A 75 -29.24 -14.98 -11.77
CA LYS A 75 -29.04 -16.03 -12.75
C LYS A 75 -27.64 -16.53 -12.49
N PRO A 76 -27.47 -17.85 -12.42
CA PRO A 76 -26.09 -18.32 -12.39
C PRO A 76 -25.42 -17.98 -13.71
N TYR A 77 -24.12 -17.70 -13.69
CA TYR A 77 -23.36 -17.57 -14.93
C TYR A 77 -23.52 -18.91 -15.68
N GLU A 78 -23.91 -18.84 -16.95
CA GLU A 78 -24.28 -20.05 -17.71
C GLU A 78 -23.19 -21.13 -17.74
N ASP A 79 -21.92 -20.73 -17.60
CA ASP A 79 -20.81 -21.68 -17.55
C ASP A 79 -20.62 -22.35 -16.18
N THR A 80 -21.33 -21.85 -15.16
CA THR A 80 -21.28 -22.45 -13.82
C THR A 80 -22.69 -22.46 -13.23
N PRO A 81 -23.60 -23.25 -13.82
CA PRO A 81 -25.02 -23.24 -13.43
C PRO A 81 -25.30 -23.82 -12.05
N ASN A 82 -24.33 -24.56 -11.50
CA ASN A 82 -24.48 -25.22 -10.21
C ASN A 82 -23.67 -24.54 -9.10
N GLN A 83 -23.52 -23.22 -9.24
CA GLN A 83 -22.80 -22.40 -8.26
C GLN A 83 -23.46 -21.05 -8.11
N GLY A 84 -23.31 -20.45 -6.94
CA GLY A 84 -23.68 -19.05 -6.71
C GLY A 84 -22.46 -18.18 -6.91
N ASN A 85 -22.63 -16.87 -6.71
CA ASN A 85 -21.60 -15.90 -7.07
C ASN A 85 -21.02 -15.19 -5.87
N LEU A 86 -19.75 -14.86 -5.95
CA LEU A 86 -19.13 -13.97 -4.96
C LEU A 86 -18.43 -12.82 -5.68
N ILE A 87 -18.78 -11.59 -5.31
CA ILE A 87 -18.23 -10.40 -5.97
C ILE A 87 -17.61 -9.53 -4.88
N VAL A 88 -16.30 -9.32 -4.97
CA VAL A 88 -15.54 -8.61 -3.94
C VAL A 88 -15.07 -7.27 -4.51
N ASN A 89 -15.42 -6.20 -3.80
CA ASN A 89 -15.06 -4.83 -4.13
CA ASN A 89 -15.04 -4.84 -4.14
C ASN A 89 -14.37 -4.19 -2.92
N VAL A 90 -13.20 -3.59 -3.14
CA VAL A 90 -12.50 -2.86 -2.07
C VAL A 90 -12.41 -1.39 -2.44
N GLU A 91 -12.74 -0.52 -1.50
CA GLU A 91 -12.53 0.92 -1.70
C GLU A 91 -11.61 1.49 -0.64
N LEU A 92 -10.54 2.11 -1.11
CA LEU A 92 -9.65 2.92 -0.31
C LEU A 92 -10.23 4.33 -0.26
N LEU A 93 -11.06 4.60 0.75
CA LEU A 93 -11.82 5.84 0.79
C LEU A 93 -10.90 7.04 1.01
N PRO A 94 -11.27 8.20 0.42
CA PRO A 94 -10.45 9.37 0.67
C PRO A 94 -10.51 9.81 2.14
N LEU A 95 -11.43 9.24 2.91
CA LEU A 95 -11.47 9.39 4.37
C LEU A 95 -10.23 8.78 5.03
N ALA A 96 -9.76 7.66 4.46
CA ALA A 96 -8.69 6.82 5.04
C ALA A 96 -7.34 7.48 5.23
N TYR A 97 -6.97 8.32 4.27
CA TYR A 97 -5.61 8.83 4.15
C TYR A 97 -5.63 10.15 3.36
N GLU A 98 -4.76 11.10 3.72
CA GLU A 98 -4.83 12.45 3.12
C GLU A 98 -4.62 12.46 1.61
N THR A 99 -3.80 11.54 1.12
CA THR A 99 -3.43 11.50 -0.30
C THR A 99 -4.26 10.51 -1.14
N PHE A 100 -5.16 9.77 -0.51
CA PHE A 100 -6.22 9.10 -1.28
C PHE A 100 -7.19 10.16 -1.81
N GLU A 101 -7.54 10.04 -3.09
CA GLU A 101 -8.54 10.91 -3.70
C GLU A 101 -9.75 10.07 -4.10
N PRO A 102 -10.92 10.70 -4.19
CA PRO A 102 -12.12 9.98 -4.62
C PRO A 102 -12.14 9.71 -6.12
N GLY A 103 -12.45 8.48 -6.49
CA GLY A 103 -12.55 8.07 -7.87
C GLY A 103 -12.93 6.62 -7.86
N PRO A 104 -13.07 6.01 -9.06
CA PRO A 104 -13.26 4.58 -9.10
C PRO A 104 -12.02 3.91 -8.52
N PRO A 105 -12.15 2.66 -8.07
CA PRO A 105 -10.98 2.04 -7.47
C PRO A 105 -9.71 2.17 -8.33
N ASP A 106 -8.60 2.50 -7.67
CA ASP A 106 -7.30 2.60 -8.33
C ASP A 106 -6.69 1.22 -8.36
N GLU A 107 -5.44 1.13 -8.80
CA GLU A 107 -4.76 -0.14 -8.91
C GLU A 107 -4.56 -0.82 -7.57
N ASN A 108 -4.35 -0.07 -6.50
CA ASN A 108 -4.17 -0.70 -5.19
C ASN A 108 -5.45 -1.27 -4.64
N ALA A 109 -6.53 -0.55 -4.84
CA ALA A 109 -7.80 -1.03 -4.37
C ALA A 109 -8.27 -2.26 -5.16
N ILE A 110 -8.04 -2.28 -6.48
CA ILE A 110 -8.39 -3.42 -7.34
C ILE A 110 -7.55 -4.64 -6.96
N GLU A 111 -6.25 -4.43 -6.77
CA GLU A 111 -5.40 -5.52 -6.33
C GLU A 111 -5.85 -6.07 -5.00
N LEU A 112 -6.16 -5.19 -4.05
CA LEU A 112 -6.71 -5.63 -2.77
C LEU A 112 -7.92 -6.57 -2.96
N ALA A 113 -8.90 -6.12 -3.75
CA ALA A 113 -10.12 -6.86 -4.03
C ALA A 113 -9.84 -8.25 -4.55
N ARG A 114 -8.85 -8.34 -5.41
CA ARG A 114 -8.57 -9.54 -6.16
C ARG A 114 -7.79 -10.57 -5.36
N VAL A 115 -6.89 -10.10 -4.51
CA VAL A 115 -6.10 -10.95 -3.61
C VAL A 115 -7.05 -11.53 -2.56
N VAL A 116 -7.96 -10.71 -2.05
CA VAL A 116 -8.95 -11.19 -1.10
C VAL A 116 -9.88 -12.16 -1.82
N ASP A 117 -10.32 -11.82 -3.01
CA ASP A 117 -11.20 -12.71 -3.74
C ASP A 117 -10.55 -14.10 -3.96
N ARG A 118 -9.29 -14.13 -4.35
CA ARG A 118 -8.61 -15.40 -4.62
C ARG A 118 -8.51 -16.22 -3.36
N SER A 119 -8.15 -15.55 -2.27
CA SER A 119 -7.96 -16.20 -1.01
C SER A 119 -9.23 -16.87 -0.57
N LEU A 120 -10.36 -16.17 -0.69
CA LEU A 120 -11.65 -16.72 -0.26
C LEU A 120 -12.03 -17.86 -1.18
N ARG A 121 -11.80 -17.65 -2.46
CA ARG A 121 -12.16 -18.61 -3.52
C ARG A 121 -11.30 -19.89 -3.46
N ASP A 122 -9.99 -19.72 -3.43
CA ASP A 122 -9.05 -20.85 -3.45
C ASP A 122 -8.94 -21.58 -2.13
N SER A 123 -9.38 -20.96 -1.05
CA SER A 123 -9.46 -21.65 0.22
C SER A 123 -10.57 -22.68 0.28
N LYS A 124 -11.57 -22.54 -0.57
CA LYS A 124 -12.77 -23.36 -0.50
C LYS A 124 -13.51 -23.13 0.83
N ALA A 125 -13.22 -22.00 1.46
CA ALA A 125 -13.92 -21.61 2.67
C ALA A 125 -15.40 -21.44 2.36
N LEU A 126 -15.69 -20.76 1.26
CA LEU A 126 -17.06 -20.52 0.82
C LEU A 126 -17.37 -21.41 -0.40
N ASP A 127 -18.23 -22.38 -0.20
CA ASP A 127 -18.55 -23.33 -1.24
C ASP A 127 -19.73 -22.77 -2.00
N LEU A 128 -19.46 -22.24 -3.19
CA LEU A 128 -20.49 -21.58 -3.97
C LEU A 128 -21.58 -22.52 -4.46
N THR A 129 -21.29 -23.82 -4.55
CA THR A 129 -22.35 -24.82 -4.84
C THR A 129 -23.38 -24.92 -3.71
N LYS A 130 -23.04 -24.43 -2.52
CA LYS A 130 -23.99 -24.32 -1.41
C LYS A 130 -24.97 -23.16 -1.59
N LEU A 131 -24.69 -22.25 -2.54
CA LEU A 131 -25.49 -21.02 -2.74
C LEU A 131 -26.51 -21.12 -3.85
N VAL A 132 -26.78 -22.35 -4.30
CA VAL A 132 -27.74 -22.57 -5.34
C VAL A 132 -29.13 -22.62 -4.72
N ILE A 133 -30.13 -22.14 -5.45
CA ILE A 133 -31.52 -22.15 -4.99
C ILE A 133 -32.29 -23.13 -5.85
N GLU A 134 -32.30 -22.87 -7.16
CA GLU A 134 -32.78 -23.84 -8.12
C GLU A 134 -31.67 -23.99 -9.15
N PRO A 135 -31.13 -25.20 -9.33
CA PRO A 135 -29.91 -25.27 -10.13
C PRO A 135 -30.21 -24.98 -11.60
N GLY A 136 -29.27 -24.31 -12.27
CA GLY A 136 -29.49 -23.85 -13.63
C GLY A 136 -30.18 -22.50 -13.66
N LYS A 137 -31.27 -22.36 -12.88
CA LYS A 137 -32.18 -21.21 -12.96
C LYS A 137 -31.84 -20.03 -12.02
N SER A 138 -31.56 -20.29 -10.75
CA SER A 138 -31.41 -19.20 -9.78
C SER A 138 -30.47 -19.55 -8.62
N VAL A 139 -29.67 -18.56 -8.20
CA VAL A 139 -28.69 -18.71 -7.13
C VAL A 139 -28.50 -17.41 -6.36
N TRP A 140 -27.81 -17.48 -5.23
CA TRP A 140 -27.33 -16.28 -4.53
C TRP A 140 -26.03 -15.70 -5.11
N THR A 141 -26.05 -14.37 -5.23
CA THR A 141 -24.86 -13.56 -5.46
C THR A 141 -24.54 -12.86 -4.16
N VAL A 142 -23.34 -13.10 -3.66
CA VAL A 142 -22.89 -12.46 -2.45
C VAL A 142 -22.07 -11.26 -2.87
N TRP A 143 -22.60 -10.06 -2.65
CA TRP A 143 -21.82 -8.84 -2.92
C TRP A 143 -21.09 -8.48 -1.66
N LEU A 144 -19.77 -8.57 -1.73
CA LEU A 144 -18.89 -8.24 -0.60
C LEU A 144 -18.16 -6.93 -0.90
N ASP A 145 -18.56 -5.89 -0.18
CA ASP A 145 -17.97 -4.56 -0.36
C ASP A 145 -17.19 -4.24 0.88
N VAL A 146 -15.94 -3.85 0.68
CA VAL A 146 -14.98 -3.68 1.74
C VAL A 146 -14.43 -2.27 1.69
N TYR A 147 -14.66 -1.51 2.75
CA TYR A 147 -14.42 -0.08 2.75
C TYR A 147 -13.35 0.21 3.76
N VAL A 148 -12.21 0.69 3.26
CA VAL A 148 -11.10 1.05 4.12
C VAL A 148 -11.33 2.47 4.62
N LEU A 149 -11.65 2.61 5.90
CA LEU A 149 -11.97 3.92 6.54
C LEU A 149 -10.79 4.68 7.11
N ASP A 150 -9.75 3.94 7.48
CA ASP A 150 -8.55 4.47 8.12
C ASP A 150 -7.39 3.61 7.65
N TYR A 151 -6.40 4.24 7.01
CA TYR A 151 -5.21 3.56 6.49
C TYR A 151 -4.11 3.61 7.53
N GLY A 152 -3.97 2.57 8.35
CA GLY A 152 -2.92 2.54 9.38
C GLY A 152 -1.83 1.53 9.09
N GLY A 153 -1.82 0.98 7.88
CA GLY A 153 -0.81 0.05 7.47
C GLY A 153 -1.37 -1.34 7.44
N ASN A 154 -0.84 -2.17 6.56
CA ASN A 154 -1.28 -3.54 6.37
C ASN A 154 -2.81 -3.70 6.16
N VAL A 155 -3.34 -2.94 5.20
CA VAL A 155 -4.77 -2.96 4.91
CA VAL A 155 -4.78 -2.96 4.92
C VAL A 155 -5.25 -4.30 4.35
N LEU A 156 -4.40 -4.95 3.59
CA LEU A 156 -4.77 -6.26 3.05
C LEU A 156 -5.16 -7.23 4.15
N ASP A 157 -4.35 -7.35 5.19
CA ASP A 157 -4.67 -8.33 6.24
C ASP A 157 -5.99 -7.99 6.89
N ALA A 158 -6.22 -6.71 7.12
CA ALA A 158 -7.47 -6.27 7.73
C ALA A 158 -8.66 -6.42 6.78
N CYS A 159 -8.44 -6.22 5.49
CA CYS A 159 -9.50 -6.49 4.52
C CYS A 159 -9.88 -7.97 4.57
N THR A 160 -8.89 -8.85 4.73
CA THR A 160 -9.16 -10.29 4.71
C THR A 160 -9.94 -10.72 5.96
N LEU A 161 -9.61 -10.15 7.12
CA LEU A 161 -10.35 -10.47 8.35
C LEU A 161 -11.76 -9.92 8.33
N ALA A 162 -11.92 -8.71 7.79
CA ALA A 162 -13.23 -8.09 7.72
C ALA A 162 -14.11 -8.87 6.76
N SER A 163 -13.52 -9.38 5.71
CA SER A 163 -14.26 -10.15 4.72
C SER A 163 -14.78 -11.45 5.29
N VAL A 164 -13.89 -12.22 5.88
CA VAL A 164 -14.29 -13.49 6.48
C VAL A 164 -15.35 -13.23 7.53
N ALA A 165 -15.08 -12.26 8.41
CA ALA A 165 -16.00 -11.92 9.47
C ALA A 165 -17.36 -11.60 8.92
N ALA A 166 -17.38 -10.73 7.90
CA ALA A 166 -18.65 -10.31 7.31
C ALA A 166 -19.38 -11.47 6.67
N LEU A 167 -18.62 -12.38 6.04
CA LEU A 167 -19.23 -13.56 5.44
C LEU A 167 -19.80 -14.49 6.50
N TYR A 168 -19.03 -14.77 7.55
CA TYR A 168 -19.57 -15.55 8.67
C TYR A 168 -20.84 -14.92 9.25
N ASN A 169 -20.85 -13.57 9.28
CA ASN A 169 -21.98 -12.77 9.79
C ASN A 169 -23.21 -12.65 8.86
N THR A 170 -23.13 -13.25 7.69
CA THR A 170 -24.15 -13.02 6.71
C THR A 170 -25.38 -13.89 6.96
N LYS A 171 -26.46 -13.19 7.28
CA LYS A 171 -27.81 -13.74 7.37
C LYS A 171 -28.29 -14.13 6.00
N VAL A 172 -29.05 -15.22 5.96
CA VAL A 172 -29.75 -15.67 4.77
C VAL A 172 -31.24 -15.74 5.07
N TYR A 173 -32.03 -15.34 4.10
CA TYR A 173 -33.45 -15.18 4.30
C TYR A 173 -34.24 -16.21 3.53
N LYS A 174 -35.46 -16.46 4.01
CA LYS A 174 -36.39 -17.34 3.33
C LYS A 174 -36.59 -16.88 1.89
N VAL A 175 -36.73 -17.84 1.00
CA VAL A 175 -37.08 -17.56 -0.37
C VAL A 175 -38.47 -18.11 -0.61
N GLU A 176 -39.43 -17.21 -0.89
CA GLU A 176 -40.80 -17.59 -1.20
C GLU A 176 -40.94 -17.78 -2.73
N GLN A 177 -41.91 -18.60 -3.14
CA GLN A 177 -42.14 -18.92 -4.57
C GLN A 177 -43.49 -18.42 -5.05
N HIS A 178 -43.79 -18.65 -6.33
CA HIS A 178 -45.08 -18.26 -6.92
C HIS A 178 -45.45 -19.12 -8.14
N ILE A 182 -39.98 -16.07 -7.67
CA ILE A 182 -39.19 -16.24 -6.45
C ILE A 182 -38.90 -14.90 -5.76
N SER A 183 -39.01 -14.87 -4.43
CA SER A 183 -38.87 -13.63 -3.65
C SER A 183 -38.20 -13.86 -2.29
N VAL A 184 -37.36 -12.90 -1.90
CA VAL A 184 -36.73 -12.93 -0.59
C VAL A 184 -37.64 -12.25 0.43
N ASN A 185 -38.08 -13.01 1.42
CA ASN A 185 -38.77 -12.47 2.60
C ASN A 185 -37.72 -12.13 3.62
N LYS A 186 -37.55 -10.84 3.92
CA LYS A 186 -36.47 -10.38 4.78
C LYS A 186 -36.88 -10.30 6.25
N ASN A 187 -38.14 -10.63 6.53
CA ASN A 187 -38.62 -10.79 7.91
C ASN A 187 -38.22 -12.14 8.49
N GLU A 188 -37.77 -13.04 7.62
CA GLU A 188 -37.47 -14.41 8.02
C GLU A 188 -36.04 -14.82 7.65
N VAL A 189 -35.15 -14.81 8.64
CA VAL A 189 -33.79 -15.31 8.49
C VAL A 189 -33.81 -16.82 8.70
N VAL A 190 -33.47 -17.58 7.66
CA VAL A 190 -33.53 -19.05 7.71
C VAL A 190 -32.19 -19.72 8.03
N GLY A 191 -31.08 -18.99 7.89
CA GLY A 191 -29.75 -19.56 8.02
C GLY A 191 -28.64 -18.51 8.10
N LYS A 192 -27.39 -18.98 8.10
CA LYS A 192 -26.23 -18.12 7.97
C LYS A 192 -25.45 -18.54 6.75
N LEU A 193 -24.53 -17.70 6.30
CA LEU A 193 -23.80 -18.06 5.12
C LEU A 193 -22.92 -19.25 5.50
N PRO A 194 -22.97 -20.32 4.69
CA PRO A 194 -22.24 -21.54 5.00
C PRO A 194 -20.78 -21.47 4.58
N LEU A 195 -19.92 -21.37 5.58
CA LEU A 195 -18.49 -21.41 5.38
C LEU A 195 -17.92 -22.68 6.00
N ASN A 196 -16.91 -23.25 5.34
CA ASN A 196 -16.25 -24.46 5.84
C ASN A 196 -15.30 -24.16 6.99
N TYR A 197 -14.72 -22.97 6.97
CA TYR A 197 -13.72 -22.54 7.94
C TYR A 197 -13.34 -21.10 7.61
N PRO A 198 -12.67 -20.43 8.55
CA PRO A 198 -12.08 -19.15 8.25
C PRO A 198 -10.77 -19.27 7.43
N VAL A 199 -10.36 -18.12 6.87
CA VAL A 199 -9.09 -17.93 6.17
C VAL A 199 -8.39 -16.69 6.71
N VAL A 200 -7.06 -16.71 6.70
CA VAL A 200 -6.31 -15.50 7.05
C VAL A 200 -5.22 -15.21 6.04
N THR A 201 -4.97 -13.93 5.86
CA THR A 201 -3.83 -13.47 5.08
C THR A 201 -2.85 -12.86 6.04
N ILE A 202 -1.58 -13.23 5.88
CA ILE A 202 -0.52 -12.80 6.77
C ILE A 202 0.55 -12.13 5.93
N SER A 203 0.71 -10.84 6.18
CA SER A 203 1.63 -9.98 5.46
C SER A 203 2.91 -9.77 6.25
N VAL A 204 4.02 -10.14 5.60
CA VAL A 204 5.39 -9.99 6.10
C VAL A 204 6.16 -8.96 5.27
N ALA A 205 6.68 -7.93 5.93
CA ALA A 205 7.48 -6.90 5.27
C ALA A 205 8.97 -7.14 5.46
N LYS A 206 9.72 -6.92 4.38
CA LYS A 206 11.17 -6.93 4.47
C LYS A 206 11.68 -5.51 4.79
N VAL A 207 12.38 -5.42 5.91
CA VAL A 207 13.03 -4.18 6.29
C VAL A 207 14.50 -4.49 6.51
N ASP A 208 15.32 -4.17 5.49
CA ASP A 208 16.75 -4.52 5.50
C ASP A 208 16.88 -5.99 5.91
N LYS A 209 17.61 -6.26 6.98
CA LYS A 209 17.89 -7.65 7.32
C LYS A 209 16.69 -8.31 8.02
N TYR A 210 15.58 -7.60 8.14
CA TYR A 210 14.52 -8.06 9.02
C TYR A 210 13.23 -8.28 8.29
N LEU A 211 12.47 -9.24 8.82
CA LEU A 211 11.14 -9.57 8.37
C LEU A 211 10.26 -9.28 9.53
N VAL A 212 9.22 -8.50 9.24
CA VAL A 212 8.33 -7.96 10.24
CA VAL A 212 8.34 -8.01 10.26
C VAL A 212 6.91 -8.34 9.82
N VAL A 213 6.15 -8.92 10.74
CA VAL A 213 4.75 -9.28 10.49
C VAL A 213 3.84 -8.10 10.81
N ASP A 214 2.83 -7.90 9.96
CA ASP A 214 1.80 -6.85 10.13
C ASP A 214 2.40 -5.44 10.21
N PRO A 215 3.01 -4.98 9.12
CA PRO A 215 3.65 -3.69 9.19
C PRO A 215 2.68 -2.53 9.42
N ASP A 216 3.07 -1.56 10.27
CA ASP A 216 2.30 -0.32 10.43
C ASP A 216 2.66 0.70 9.35
N LEU A 217 2.12 1.91 9.45
CA LEU A 217 2.27 2.89 8.38
C LEU A 217 3.72 3.28 8.18
N ASP A 218 4.43 3.54 9.26
CA ASP A 218 5.84 3.87 9.18
C ASP A 218 6.68 2.74 8.63
N GLU A 219 6.40 1.53 9.06
CA GLU A 219 7.11 0.35 8.58
C GLU A 219 6.89 0.11 7.11
N GLU A 220 5.66 0.30 6.64
CA GLU A 220 5.36 0.21 5.22
C GLU A 220 6.05 1.27 4.42
N SER A 221 6.34 2.42 5.05
CA SER A 221 7.03 3.51 4.36
CA SER A 221 7.01 3.49 4.34
C SER A 221 8.49 3.18 4.13
N ILE A 222 9.07 2.35 4.99
CA ILE A 222 10.50 2.02 4.85
C ILE A 222 10.79 0.65 4.23
N MET A 223 9.76 -0.16 4.03
CA MET A 223 10.00 -1.54 3.64
C MET A 223 10.49 -1.63 2.21
N ASP A 224 11.35 -2.63 1.95
CA ASP A 224 11.80 -2.92 0.57
C ASP A 224 10.63 -3.54 -0.20
N ALA A 225 9.95 -4.49 0.45
CA ALA A 225 8.78 -5.12 -0.11
C ALA A 225 8.02 -5.90 0.96
N LYS A 226 6.85 -6.39 0.57
CA LYS A 226 6.00 -7.15 1.44
C LYS A 226 5.59 -8.41 0.66
N ILE A 227 5.25 -9.44 1.40
CA ILE A 227 4.71 -10.62 0.80
C ILE A 227 3.69 -11.22 1.74
N SER A 228 2.51 -11.48 1.18
CA SER A 228 1.39 -11.95 1.96
CA SER A 228 1.38 -11.95 1.95
C SER A 228 1.17 -13.42 1.69
N PHE A 229 0.85 -14.18 2.74
CA PHE A 229 0.54 -15.58 2.59
C PHE A 229 -0.83 -15.83 3.20
N SER A 230 -1.69 -16.51 2.46
CA SER A 230 -2.99 -16.87 3.03
C SER A 230 -3.03 -18.33 3.45
N TYR A 231 -3.65 -18.58 4.60
CA TYR A 231 -3.78 -19.92 5.16
C TYR A 231 -5.22 -20.28 5.58
N THR A 232 -5.56 -21.55 5.46
CA THR A 232 -6.73 -22.06 6.13
C THR A 232 -6.25 -22.76 7.42
N PRO A 233 -7.19 -23.20 8.27
CA PRO A 233 -6.78 -23.81 9.55
C PRO A 233 -5.92 -25.04 9.45
N ASP A 234 -5.92 -25.72 8.30
CA ASP A 234 -4.99 -26.85 8.10
C ASP A 234 -3.62 -26.39 7.58
N LEU A 235 -3.47 -25.09 7.42
CA LEU A 235 -2.20 -24.47 7.10
C LEU A 235 -1.73 -24.85 5.70
N LYS A 236 -2.69 -25.15 4.83
CA LYS A 236 -2.42 -25.04 3.40
C LYS A 236 -2.28 -23.58 3.09
N ILE A 237 -1.30 -23.30 2.23
CA ILE A 237 -1.14 -22.00 1.61
C ILE A 237 -2.19 -21.89 0.52
N VAL A 238 -2.83 -20.76 0.45
CA VAL A 238 -4.11 -20.62 -0.26
C VAL A 238 -4.12 -19.31 -1.06
N GLY A 239 -2.92 -18.75 -1.24
CA GLY A 239 -2.72 -17.49 -1.92
C GLY A 239 -1.40 -16.88 -1.49
N ILE A 240 -0.66 -16.31 -2.45
CA ILE A 240 0.58 -15.58 -2.17
C ILE A 240 0.66 -14.38 -3.12
N GLN A 241 1.04 -13.22 -2.59
CA GLN A 241 1.30 -12.05 -3.38
C GLN A 241 2.41 -11.26 -2.75
N LYS A 242 3.51 -11.15 -3.48
CA LYS A 242 4.53 -10.15 -3.23
C LYS A 242 4.08 -8.85 -3.90
N SER A 243 4.13 -7.76 -3.18
CA SER A 243 3.91 -6.43 -3.73
C SER A 243 5.02 -5.50 -3.30
N GLY A 244 5.09 -4.33 -3.93
CA GLY A 244 6.16 -3.39 -3.66
C GLY A 244 7.28 -3.46 -4.64
N LYS A 245 8.04 -2.37 -4.70
CA LYS A 245 8.99 -2.12 -5.77
C LYS A 245 10.32 -2.84 -5.61
N GLY A 246 10.49 -3.53 -4.48
CA GLY A 246 11.76 -4.15 -4.15
C GLY A 246 11.71 -5.64 -4.36
N SER A 247 12.88 -6.25 -4.54
CA SER A 247 12.96 -7.68 -4.63
C SER A 247 13.23 -8.31 -3.27
N MET A 248 13.00 -9.63 -3.24
CA MET A 248 13.34 -10.46 -2.11
CA MET A 248 13.31 -10.48 -2.10
C MET A 248 14.14 -11.66 -2.59
N SER A 249 15.05 -12.13 -1.75
CA SER A 249 15.75 -13.36 -2.08
C SER A 249 14.82 -14.53 -1.87
N LEU A 250 15.22 -15.67 -2.41
CA LEU A 250 14.50 -16.93 -2.23
C LEU A 250 14.44 -17.30 -0.74
N GLN A 251 15.54 -17.04 -0.05
CA GLN A 251 15.68 -17.30 1.39
C GLN A 251 14.78 -16.40 2.21
N ASP A 252 14.67 -15.13 1.79
CA ASP A 252 13.73 -14.19 2.43
C ASP A 252 12.30 -14.71 2.28
N ILE A 253 11.97 -15.18 1.07
CA ILE A 253 10.63 -15.73 0.87
C ILE A 253 10.40 -17.01 1.68
N ASP A 254 11.36 -17.92 1.66
CA ASP A 254 11.32 -19.13 2.47
C ASP A 254 11.09 -18.76 3.92
N GLN A 255 11.91 -17.84 4.44
CA GLN A 255 11.80 -17.45 5.83
C GLN A 255 10.48 -16.77 6.14
N ALA A 256 10.04 -15.88 5.25
CA ALA A 256 8.76 -15.20 5.38
C ALA A 256 7.56 -16.13 5.55
N GLU A 257 7.51 -17.21 4.75
CA GLU A 257 6.41 -18.19 4.83
C GLU A 257 6.41 -18.93 6.16
N ASN A 258 7.60 -19.36 6.59
CA ASN A 258 7.76 -20.05 7.86
C ASN A 258 7.23 -19.18 8.97
N THR A 259 7.59 -17.90 8.95
CA THR A 259 7.14 -16.91 9.93
C THR A 259 5.66 -16.62 9.83
N ALA A 260 5.20 -16.43 8.59
CA ALA A 260 3.80 -16.17 8.33
C ALA A 260 2.92 -17.29 8.89
N ARG A 261 3.22 -18.51 8.49
CA ARG A 261 2.48 -19.68 8.90
C ARG A 261 2.46 -19.85 10.40
N SER A 262 3.56 -19.54 11.08
CA SER A 262 3.56 -19.64 12.53
CA SER A 262 3.58 -19.62 12.54
C SER A 262 2.62 -18.61 13.13
N THR A 263 2.50 -17.47 12.48
CA THR A 263 1.59 -16.41 12.94
C THR A 263 0.14 -16.75 12.64
N ALA A 264 -0.10 -17.41 11.50
CA ALA A 264 -1.47 -17.79 11.05
C ALA A 264 -2.25 -18.62 12.08
N VAL A 265 -1.55 -19.59 12.65
CA VAL A 265 -2.05 -20.44 13.72
C VAL A 265 -2.70 -19.57 14.80
N LYS A 266 -1.93 -18.62 15.33
CA LYS A 266 -2.45 -17.74 16.40
C LYS A 266 -3.59 -16.84 15.90
N LEU A 267 -3.40 -16.27 14.71
CA LEU A 267 -4.39 -15.35 14.16
C LEU A 267 -5.73 -16.04 13.87
N LEU A 268 -5.67 -17.27 13.37
CA LEU A 268 -6.88 -18.05 13.11
C LEU A 268 -7.67 -18.31 14.38
N GLU A 269 -6.98 -18.73 15.44
CA GLU A 269 -7.62 -18.97 16.72
C GLU A 269 -8.33 -17.73 17.26
N GLU A 270 -7.78 -16.56 16.98
CA GLU A 270 -8.30 -15.29 17.49
C GLU A 270 -9.50 -14.85 16.65
N LEU A 271 -9.39 -15.02 15.34
CA LEU A 271 -10.51 -14.77 14.47
C LEU A 271 -11.69 -15.66 14.86
N LYS A 272 -11.43 -16.96 15.04
CA LYS A 272 -12.48 -17.91 15.45
C LYS A 272 -13.17 -17.44 16.71
N LYS A 273 -12.40 -16.93 17.67
CA LYS A 273 -12.96 -16.40 18.92
C LYS A 273 -13.96 -15.29 18.61
N HIS A 274 -13.57 -14.37 17.72
CA HIS A 274 -14.43 -13.26 17.36
C HIS A 274 -15.68 -13.70 16.61
N LEU A 275 -15.57 -14.79 15.86
CA LEU A 275 -16.69 -15.31 15.09
C LEU A 275 -17.68 -16.17 15.89
N GLY A 276 -17.27 -16.69 17.04
CA GLY A 276 -18.10 -17.65 17.78
C GLY A 276 -18.13 -19.05 17.14
N ILE A 277 -16.98 -19.49 16.62
CA ILE A 277 -16.83 -20.85 16.07
C ILE A 277 -15.56 -21.50 16.62
N GLU B 10 -9.79 -31.24 -12.44
CA GLU B 10 -11.17 -31.83 -12.38
C GLU B 10 -11.58 -32.61 -13.64
N ARG B 11 -12.20 -31.97 -14.65
CA ARG B 11 -12.78 -32.74 -15.77
C ARG B 11 -11.72 -33.54 -16.50
N PRO B 12 -10.75 -32.87 -17.16
CA PRO B 12 -9.73 -33.65 -17.83
C PRO B 12 -8.70 -34.25 -16.88
N LYS B 13 -8.06 -35.31 -17.31
CA LYS B 13 -6.91 -35.86 -16.61
C LYS B 13 -5.75 -34.95 -17.00
N LEU B 14 -5.01 -34.47 -16.01
CA LEU B 14 -3.88 -33.57 -16.26
C LEU B 14 -2.57 -34.33 -16.32
N ILE B 15 -2.48 -35.37 -15.50
CA ILE B 15 -1.33 -36.28 -15.53
C ILE B 15 -1.81 -37.62 -16.03
N LEU B 16 -1.34 -38.00 -17.21
CA LEU B 16 -1.81 -39.23 -17.87
C LEU B 16 -1.13 -40.46 -17.28
N ASP B 17 -1.63 -41.64 -17.63
CA ASP B 17 -1.20 -42.88 -16.97
C ASP B 17 0.29 -43.11 -17.12
N ASP B 18 0.84 -42.63 -18.24
CA ASP B 18 2.26 -42.71 -18.54
C ASP B 18 3.09 -41.68 -17.80
N GLY B 19 2.45 -40.91 -16.91
CA GLY B 19 3.14 -39.91 -16.12
C GLY B 19 3.34 -38.61 -16.87
N LYS B 20 2.82 -38.49 -18.07
CA LYS B 20 3.02 -37.29 -18.84
C LYS B 20 1.77 -36.43 -18.86
N ARG B 21 1.97 -35.20 -19.31
CA ARG B 21 0.95 -34.16 -19.29
C ARG B 21 0.16 -34.13 -20.58
N THR B 22 -0.88 -33.30 -20.62
CA THR B 22 -1.78 -33.26 -21.76
C THR B 22 -1.06 -32.95 -23.06
N ASP B 23 0.00 -32.18 -23.00
CA ASP B 23 0.75 -31.83 -24.21
C ASP B 23 1.97 -32.71 -24.44
N GLY B 24 2.12 -33.76 -23.61
CA GLY B 24 3.18 -34.76 -23.76
C GLY B 24 4.43 -34.47 -22.95
N ARG B 25 4.43 -33.35 -22.21
CA ARG B 25 5.63 -32.92 -21.49
C ARG B 25 5.79 -33.64 -20.17
N LYS B 26 7.05 -33.82 -19.80
CA LYS B 26 7.42 -34.19 -18.43
C LYS B 26 7.10 -33.01 -17.49
N PRO B 27 6.81 -33.30 -16.21
CA PRO B 27 6.58 -32.23 -15.23
C PRO B 27 7.74 -31.22 -15.05
N ASP B 28 8.99 -31.59 -15.30
CA ASP B 28 10.07 -30.60 -15.21
C ASP B 28 10.47 -30.03 -16.58
N GLU B 29 9.56 -30.11 -17.55
CA GLU B 29 9.88 -29.73 -18.93
C GLU B 29 9.14 -28.46 -19.30
N LEU B 30 9.88 -27.51 -19.89
CA LEU B 30 9.33 -26.23 -20.31
C LEU B 30 8.65 -26.36 -21.66
N ARG B 31 7.79 -25.42 -21.99
CA ARG B 31 7.33 -25.28 -23.36
C ARG B 31 8.43 -24.62 -24.14
N SER B 32 8.37 -24.68 -25.46
CA SER B 32 9.45 -24.10 -26.25
C SER B 32 9.35 -22.57 -26.28
N ILE B 33 10.48 -21.96 -26.56
CA ILE B 33 10.70 -20.53 -26.39
C ILE B 33 11.31 -19.99 -27.68
N LYS B 34 10.81 -18.81 -28.07
CA LYS B 34 11.28 -18.12 -29.25
C LYS B 34 11.22 -16.64 -28.91
N ILE B 35 12.27 -15.92 -29.32
CA ILE B 35 12.45 -14.53 -28.92
C ILE B 35 12.93 -13.76 -30.15
N GLU B 36 12.32 -12.59 -30.38
CA GLU B 36 12.76 -11.67 -31.43
C GLU B 36 12.99 -10.31 -30.83
N LEU B 37 14.04 -9.63 -31.26
CA LEU B 37 14.38 -8.33 -30.72
C LEU B 37 14.36 -7.34 -31.82
N GLY B 38 14.09 -6.08 -31.49
CA GLY B 38 14.09 -4.98 -32.49
C GLY B 38 13.04 -5.17 -33.58
N VAL B 39 11.88 -5.67 -33.17
CA VAL B 39 10.80 -6.01 -34.10
C VAL B 39 10.01 -4.78 -34.59
N LEU B 40 10.02 -3.70 -33.80
CA LEU B 40 9.33 -2.45 -34.15
C LEU B 40 10.31 -1.34 -34.51
N LYS B 41 10.02 -0.59 -35.55
CA LYS B 41 10.90 0.50 -36.00
C LYS B 41 10.84 1.78 -35.15
N ASN B 42 9.69 2.14 -34.60
CA ASN B 42 9.54 3.39 -33.85
C ASN B 42 9.98 3.28 -32.39
N ALA B 43 9.75 2.11 -31.80
CA ALA B 43 10.06 1.90 -30.40
C ALA B 43 11.54 2.03 -30.18
N ASP B 44 11.92 2.54 -29.02
CA ASP B 44 13.32 2.64 -28.68
C ASP B 44 13.90 1.26 -28.47
N GLY B 45 13.07 0.34 -28.03
CA GLY B 45 13.44 -1.07 -27.93
C GLY B 45 12.19 -1.91 -27.96
N SER B 46 12.31 -3.13 -28.46
CA SER B 46 11.16 -4.00 -28.56
C SER B 46 11.54 -5.47 -28.57
N ALA B 47 10.55 -6.34 -28.33
CA ALA B 47 10.78 -7.78 -28.37
C ALA B 47 9.50 -8.53 -28.50
N ILE B 48 9.58 -9.71 -29.07
CA ILE B 48 8.50 -10.67 -29.01
C ILE B 48 9.03 -11.89 -28.29
N PHE B 49 8.24 -12.38 -27.34
CA PHE B 49 8.56 -13.55 -26.55
C PHE B 49 7.44 -14.56 -26.73
N GLU B 50 7.81 -15.78 -27.09
CA GLU B 50 6.83 -16.86 -27.19
C GLU B 50 7.24 -17.96 -26.26
N MET B 51 6.32 -18.39 -25.41
CA MET B 51 6.52 -19.54 -24.58
C MET B 51 5.38 -20.48 -24.86
N GLY B 52 5.67 -21.53 -25.61
CA GLY B 52 4.59 -22.37 -26.17
C GLY B 52 3.75 -21.50 -27.09
N ASN B 53 2.45 -21.48 -26.87
CA ASN B 53 1.53 -20.69 -27.70
C ASN B 53 1.20 -19.34 -27.09
N THR B 54 1.77 -19.02 -25.94
CA THR B 54 1.63 -17.69 -25.33
C THR B 54 2.66 -16.74 -25.97
N LYS B 55 2.18 -15.61 -26.49
CA LYS B 55 3.02 -14.71 -27.28
C LYS B 55 2.68 -13.31 -26.86
N ALA B 56 3.70 -12.56 -26.44
CA ALA B 56 3.57 -11.14 -26.21
C ALA B 56 4.55 -10.37 -27.07
N ILE B 57 4.18 -9.12 -27.31
CA ILE B 57 5.06 -8.10 -27.89
C ILE B 57 5.19 -6.96 -26.90
N ALA B 58 6.41 -6.45 -26.79
CA ALA B 58 6.70 -5.33 -25.92
C ALA B 58 7.43 -4.20 -26.63
N ALA B 59 7.09 -2.97 -26.23
CA ALA B 59 7.76 -1.79 -26.78
C ALA B 59 8.13 -0.81 -25.68
N VAL B 60 9.36 -0.33 -25.74
CA VAL B 60 9.87 0.64 -24.79
C VAL B 60 10.14 1.97 -25.50
N TYR B 61 9.76 3.07 -24.82
CA TYR B 61 10.14 4.44 -25.15
C TYR B 61 10.70 5.14 -23.92
N GLY B 62 11.70 5.98 -24.10
CA GLY B 62 12.25 6.77 -23.00
C GLY B 62 13.68 6.36 -22.78
N PRO B 63 14.34 6.92 -21.76
CA PRO B 63 13.83 7.87 -20.81
C PRO B 63 13.66 9.24 -21.44
N LYS B 64 12.65 9.95 -20.98
CA LYS B 64 12.26 11.23 -21.52
C LYS B 64 11.53 11.98 -20.41
N GLU B 65 11.73 13.28 -20.34
CA GLU B 65 11.12 14.13 -19.30
C GLU B 65 9.63 13.93 -19.19
N MET B 66 9.15 13.78 -17.98
CA MET B 66 7.76 13.40 -17.78
C MET B 66 6.91 14.64 -17.63
N HIS B 67 6.00 14.83 -18.58
CA HIS B 67 5.45 16.16 -18.84
C HIS B 67 4.55 16.71 -17.72
N PRO B 68 3.75 15.82 -17.08
CA PRO B 68 3.05 16.27 -15.86
C PRO B 68 4.05 16.17 -14.71
N ARG B 69 4.81 17.25 -14.54
CA ARG B 69 6.04 17.25 -13.73
C ARG B 69 5.82 16.87 -12.26
N HIS B 70 4.69 17.29 -11.68
CA HIS B 70 4.35 16.93 -10.29
C HIS B 70 4.17 15.42 -10.10
N LEU B 71 3.94 14.67 -11.18
CA LEU B 71 3.96 13.21 -11.13
C LEU B 71 5.37 12.62 -11.28
N SER B 72 6.36 13.45 -11.62
CA SER B 72 7.73 12.96 -11.79
C SER B 72 8.39 12.71 -10.43
N LEU B 73 9.53 12.01 -10.44
CA LEU B 73 10.34 11.82 -9.24
C LEU B 73 11.65 12.59 -9.35
N PRO B 74 12.06 13.24 -8.26
CA PRO B 74 13.26 14.07 -8.32
C PRO B 74 14.57 13.29 -8.45
N ASP B 75 14.58 12.03 -8.06
CA ASP B 75 15.82 11.27 -8.01
C ASP B 75 15.81 10.00 -8.89
N ARG B 76 14.76 9.83 -9.68
CA ARG B 76 14.41 8.53 -10.24
C ARG B 76 13.63 8.74 -11.51
N ALA B 77 13.73 7.79 -12.43
CA ALA B 77 12.79 7.68 -13.52
C ALA B 77 11.52 7.02 -12.99
N VAL B 78 10.38 7.47 -13.49
CA VAL B 78 9.11 6.80 -13.29
C VAL B 78 8.94 5.78 -14.40
N LEU B 79 8.65 4.56 -14.01
CA LEU B 79 8.29 3.51 -14.94
C LEU B 79 6.80 3.55 -15.14
N ARG B 80 6.40 3.56 -16.41
CA ARG B 80 5.01 3.52 -16.82
C ARG B 80 4.77 2.27 -17.64
N VAL B 81 3.92 1.38 -17.14
CA VAL B 81 3.81 0.05 -17.67
C VAL B 81 2.37 -0.31 -17.98
N ARG B 82 2.20 -0.98 -19.09
CA ARG B 82 0.88 -1.38 -19.51
C ARG B 82 0.89 -2.84 -19.96
N TYR B 83 0.13 -3.64 -19.24
CA TYR B 83 -0.17 -5.00 -19.66
C TYR B 83 -1.56 -5.00 -20.28
N HIS B 84 -1.61 -5.39 -21.55
CA HIS B 84 -2.85 -5.42 -22.28
C HIS B 84 -2.97 -6.69 -23.12
N MET B 85 -4.20 -7.21 -23.21
CA MET B 85 -4.48 -8.39 -24.01
CA MET B 85 -4.49 -8.40 -23.99
C MET B 85 -5.31 -8.02 -25.24
N THR B 86 -4.83 -8.38 -26.42
CA THR B 86 -5.65 -8.14 -27.61
C THR B 86 -6.94 -8.98 -27.51
N PRO B 87 -8.03 -8.54 -28.14
CA PRO B 87 -9.29 -9.26 -28.08
C PRO B 87 -9.29 -10.66 -28.72
N PHE B 88 -8.34 -10.90 -29.63
CA PHE B 88 -8.21 -12.17 -30.37
C PHE B 88 -7.06 -13.06 -29.83
N SER B 89 -6.55 -12.69 -28.66
CA SER B 89 -5.50 -13.44 -28.01
C SER B 89 -6.09 -14.61 -27.22
N THR B 90 -7.40 -14.57 -26.94
CA THR B 90 -8.07 -15.55 -26.11
C THR B 90 -9.05 -16.41 -26.90
N ASP B 91 -9.45 -17.55 -26.32
CA ASP B 91 -10.31 -18.54 -27.00
C ASP B 91 -11.64 -17.91 -27.35
N GLU B 92 -12.17 -17.17 -26.38
CA GLU B 92 -13.35 -16.36 -26.55
C GLU B 92 -12.86 -14.92 -26.62
N ARG B 93 -13.51 -14.10 -27.44
CA ARG B 93 -13.06 -12.71 -27.58
C ARG B 93 -13.01 -11.90 -26.28
N LYS B 94 -11.83 -11.37 -25.98
CA LYS B 94 -11.61 -10.47 -24.85
C LYS B 94 -11.94 -9.00 -25.25
N ASN B 95 -12.85 -8.38 -24.48
CA ASN B 95 -13.15 -6.93 -24.60
C ASN B 95 -11.91 -6.11 -24.37
N PRO B 96 -11.63 -5.14 -25.25
CA PRO B 96 -10.35 -4.41 -25.20
C PRO B 96 -10.23 -3.42 -24.03
N ALA B 97 -11.36 -2.97 -23.52
CA ALA B 97 -11.41 -2.24 -22.24
C ALA B 97 -10.60 -2.97 -21.16
N PRO B 98 -9.73 -2.25 -20.46
CA PRO B 98 -8.86 -2.95 -19.49
C PRO B 98 -9.70 -3.55 -18.38
N SER B 99 -9.42 -4.79 -18.04
CA SER B 99 -10.11 -5.51 -17.01
C SER B 99 -9.32 -5.38 -15.72
N ARG B 100 -9.96 -5.68 -14.61
CA ARG B 100 -9.31 -5.64 -13.31
C ARG B 100 -8.04 -6.48 -13.28
N ARG B 101 -8.10 -7.66 -13.89
CA ARG B 101 -6.92 -8.47 -14.02
C ARG B 101 -5.78 -7.71 -14.69
N GLU B 102 -6.09 -7.06 -15.79
CA GLU B 102 -5.06 -6.32 -16.54
C GLU B 102 -4.52 -5.21 -15.68
N ILE B 103 -5.38 -4.57 -14.90
CA ILE B 103 -4.96 -3.52 -14.02
C ILE B 103 -4.03 -4.08 -12.93
N GLU B 104 -4.37 -5.21 -12.36
CA GLU B 104 -3.52 -5.80 -11.33
C GLU B 104 -2.20 -6.23 -11.96
N LEU B 105 -2.28 -6.88 -13.11
CA LEU B 105 -1.07 -7.41 -13.71
C LEU B 105 -0.14 -6.31 -14.22
N SER B 106 -0.68 -5.15 -14.58
CA SER B 106 0.17 -4.04 -15.01
C SER B 106 0.97 -3.53 -13.83
N LYS B 107 0.37 -3.54 -12.63
CA LYS B 107 1.08 -3.14 -11.41
C LYS B 107 2.16 -4.14 -11.01
N VAL B 108 1.80 -5.42 -11.05
CA VAL B 108 2.69 -6.51 -10.60
C VAL B 108 3.93 -6.58 -11.50
N ILE B 109 3.69 -6.42 -12.79
CA ILE B 109 4.76 -6.35 -13.78
C ILE B 109 5.60 -5.09 -13.59
N ARG B 110 4.96 -3.97 -13.31
CA ARG B 110 5.75 -2.75 -13.15
C ARG B 110 6.68 -2.92 -11.96
N GLU B 111 6.11 -3.34 -10.85
CA GLU B 111 6.90 -3.52 -9.64
C GLU B 111 8.02 -4.54 -9.82
N ALA B 112 7.81 -5.55 -10.66
CA ALA B 112 8.91 -6.46 -11.01
C ALA B 112 10.00 -5.74 -11.78
N LEU B 113 9.63 -4.91 -12.73
CA LEU B 113 10.62 -4.16 -13.48
C LEU B 113 11.36 -3.12 -12.63
N GLU B 114 10.72 -2.63 -11.56
CA GLU B 114 11.28 -1.56 -10.71
C GLU B 114 12.57 -1.98 -10.01
N SER B 115 12.66 -3.28 -9.70
CA SER B 115 13.85 -3.83 -9.04
CA SER B 115 13.85 -3.82 -9.04
C SER B 115 15.03 -3.99 -9.99
N ALA B 116 14.75 -4.05 -11.30
CA ALA B 116 15.80 -4.29 -12.32
C ALA B 116 16.35 -3.02 -13.01
N VAL B 117 15.46 -2.16 -13.45
CA VAL B 117 15.81 -0.94 -14.16
C VAL B 117 16.53 -0.02 -13.20
N LEU B 118 17.69 0.50 -13.64
CA LEU B 118 18.46 1.45 -12.85
C LEU B 118 17.89 2.83 -13.13
N VAL B 119 16.73 3.04 -12.52
CA VAL B 119 15.94 4.24 -12.71
C VAL B 119 16.62 5.52 -12.16
N GLU B 120 17.59 5.38 -11.26
CA GLU B 120 18.17 6.57 -10.58
C GLU B 120 19.18 7.30 -11.47
N LEU B 121 19.51 6.69 -12.60
CA LEU B 121 20.25 7.35 -13.66
C LEU B 121 19.51 8.57 -14.22
N PHE B 122 18.18 8.51 -14.23
CA PHE B 122 17.41 9.46 -15.00
C PHE B 122 16.35 10.14 -14.13
N PRO B 123 16.79 11.04 -13.26
CA PRO B 123 15.84 11.90 -12.57
C PRO B 123 14.83 12.58 -13.50
N ARG B 124 13.58 12.59 -13.09
CA ARG B 124 12.53 13.40 -13.71
C ARG B 124 12.06 12.84 -15.04
N THR B 125 12.46 11.62 -15.34
CA THR B 125 12.05 11.04 -16.60
C THR B 125 10.98 10.00 -16.36
N ALA B 126 10.37 9.59 -17.47
CA ALA B 126 9.52 8.41 -17.52
C ALA B 126 10.12 7.46 -18.53
N ILE B 127 9.93 6.18 -18.26
CA ILE B 127 10.29 5.13 -19.18
C ILE B 127 9.01 4.35 -19.37
N ASP B 128 8.50 4.39 -20.61
CA ASP B 128 7.25 3.72 -20.94
C ASP B 128 7.52 2.32 -21.45
N VAL B 129 6.70 1.39 -20.98
CA VAL B 129 6.78 -0.01 -21.34
C VAL B 129 5.39 -0.51 -21.66
N PHE B 130 5.13 -0.75 -22.94
CA PHE B 130 3.85 -1.24 -23.38
C PHE B 130 4.00 -2.67 -23.84
N THR B 131 3.13 -3.52 -23.33
CA THR B 131 3.15 -4.93 -23.54
C THR B 131 1.75 -5.32 -24.04
N GLU B 132 1.67 -6.03 -25.17
CA GLU B 132 0.40 -6.55 -25.64
C GLU B 132 0.54 -8.03 -25.79
N ILE B 133 -0.48 -8.76 -25.33
CA ILE B 133 -0.51 -10.22 -25.44
C ILE B 133 -1.26 -10.56 -26.74
N LEU B 134 -0.56 -11.19 -27.65
CA LEU B 134 -1.09 -11.52 -28.96
C LEU B 134 -1.76 -12.90 -28.96
N GLN B 135 -1.30 -13.75 -28.05
CA GLN B 135 -1.86 -15.08 -27.87
C GLN B 135 -1.69 -15.42 -26.40
N ALA B 136 -2.77 -15.84 -25.74
CA ALA B 136 -2.76 -16.19 -24.32
C ALA B 136 -3.08 -17.67 -24.19
N ASP B 137 -2.10 -18.45 -23.74
CA ASP B 137 -2.24 -19.89 -23.52
C ASP B 137 -1.64 -20.30 -22.17
N ALA B 138 -1.68 -19.36 -21.24
CA ALA B 138 -1.17 -19.53 -19.87
C ALA B 138 0.22 -18.96 -19.72
N GLY B 139 0.40 -18.16 -18.68
CA GLY B 139 1.69 -17.53 -18.32
C GLY B 139 2.00 -16.20 -18.99
N SER B 140 0.95 -15.51 -19.42
CA SER B 140 1.12 -14.31 -20.24
C SER B 140 1.74 -13.17 -19.44
N ARG B 141 1.46 -13.09 -18.13
CA ARG B 141 2.04 -12.03 -17.33
C ARG B 141 3.56 -12.15 -17.32
N LEU B 142 4.07 -13.38 -17.42
CA LEU B 142 5.52 -13.61 -17.30
C LEU B 142 6.18 -13.43 -18.65
N VAL B 143 5.50 -13.92 -19.69
CA VAL B 143 5.95 -13.73 -21.07
C VAL B 143 6.00 -12.23 -21.34
N SER B 144 4.99 -11.54 -20.82
CA SER B 144 4.88 -10.12 -20.96
C SER B 144 6.04 -9.40 -20.25
N LEU B 145 6.29 -9.82 -19.02
CA LEU B 145 7.37 -9.26 -18.23
C LEU B 145 8.74 -9.49 -18.86
N MET B 146 8.94 -10.67 -19.43
CA MET B 146 10.23 -11.00 -20.02
C MET B 146 10.43 -10.23 -21.35
N ALA B 147 9.36 -10.15 -22.15
CA ALA B 147 9.40 -9.33 -23.34
C ALA B 147 9.82 -7.91 -22.96
N ALA B 148 9.25 -7.40 -21.86
CA ALA B 148 9.61 -6.09 -21.31
C ALA B 148 11.10 -5.97 -20.95
N SER B 149 11.62 -6.95 -20.23
CA SER B 149 13.04 -7.00 -19.86
C SER B 149 13.88 -6.91 -21.14
N LEU B 150 13.58 -7.80 -22.08
CA LEU B 150 14.28 -7.83 -23.38
C LEU B 150 14.16 -6.54 -24.20
N ALA B 151 12.99 -5.88 -24.14
CA ALA B 151 12.82 -4.63 -24.89
C ALA B 151 13.59 -3.49 -24.22
N LEU B 152 13.57 -3.45 -22.88
CA LEU B 152 14.38 -2.48 -22.16
C LEU B 152 15.82 -2.63 -22.54
N ALA B 153 16.28 -3.87 -22.65
CA ALA B 153 17.67 -4.10 -23.01
C ALA B 153 17.91 -3.72 -24.48
N ASP B 154 16.97 -4.08 -25.34
CA ASP B 154 17.00 -3.69 -26.75
C ASP B 154 17.06 -2.16 -26.88
N ALA B 155 16.47 -1.45 -25.91
CA ALA B 155 16.52 0.01 -25.87
C ALA B 155 17.78 0.57 -25.21
N GLY B 156 18.65 -0.29 -24.69
CA GLY B 156 19.86 0.18 -24.08
C GLY B 156 19.58 0.93 -22.82
N ILE B 157 18.49 0.58 -22.14
CA ILE B 157 18.20 1.17 -20.84
C ILE B 157 18.89 0.33 -19.76
N PRO B 158 19.84 0.94 -19.02
CA PRO B 158 20.58 0.21 -17.99
C PRO B 158 19.73 -0.48 -16.92
N MET B 159 20.11 -1.72 -16.67
CA MET B 159 19.41 -2.63 -15.76
C MET B 159 20.41 -3.51 -15.01
N ARG B 160 20.17 -3.66 -13.72
CA ARG B 160 20.78 -4.68 -12.86
C ARG B 160 20.97 -6.05 -13.46
N ASP B 161 19.92 -6.55 -14.09
CA ASP B 161 19.91 -7.92 -14.61
C ASP B 161 18.71 -8.05 -15.53
N LEU B 162 18.67 -9.15 -16.28
CA LEU B 162 17.48 -9.52 -17.05
C LEU B 162 16.55 -10.24 -16.10
N ILE B 163 15.26 -10.23 -16.47
CA ILE B 163 14.25 -10.95 -15.71
C ILE B 163 13.75 -12.16 -16.49
N ALA B 164 13.89 -13.34 -15.87
CA ALA B 164 13.32 -14.57 -16.41
C ALA B 164 12.26 -15.06 -15.44
N GLY B 165 11.17 -15.61 -15.94
CA GLY B 165 10.17 -16.18 -15.02
C GLY B 165 9.38 -17.33 -15.60
N VAL B 166 8.68 -18.05 -14.73
CA VAL B 166 7.86 -19.21 -15.09
CA VAL B 166 7.86 -19.19 -15.12
C VAL B 166 6.82 -19.46 -14.03
N ALA B 167 5.69 -20.01 -14.43
CA ALA B 167 4.71 -20.47 -13.47
C ALA B 167 4.97 -21.95 -13.25
N VAL B 168 5.19 -22.31 -11.99
CA VAL B 168 5.11 -23.69 -11.59
C VAL B 168 3.69 -23.89 -11.00
N GLY B 169 3.34 -25.13 -10.68
CA GLY B 169 2.02 -25.41 -10.15
C GLY B 169 1.84 -26.86 -9.80
N LYS B 170 0.59 -27.24 -9.63
CA LYS B 170 0.25 -28.57 -9.22
C LYS B 170 -0.93 -29.02 -10.06
N ALA B 171 -0.83 -30.25 -10.55
CA ALA B 171 -1.82 -30.86 -11.41
C ALA B 171 -2.00 -32.34 -11.05
N ASP B 172 -3.21 -32.69 -10.64
CA ASP B 172 -3.51 -34.05 -10.16
C ASP B 172 -2.47 -34.48 -9.14
N GLY B 173 -2.09 -33.56 -8.26
CA GLY B 173 -1.20 -33.84 -7.16
C GLY B 173 0.26 -33.87 -7.55
N VAL B 174 0.59 -33.36 -8.73
CA VAL B 174 1.96 -33.41 -9.21
C VAL B 174 2.46 -32.00 -9.47
N ILE B 175 3.65 -31.71 -8.95
CA ILE B 175 4.31 -30.46 -9.14
C ILE B 175 4.85 -30.40 -10.58
N ILE B 176 4.44 -29.36 -11.30
CA ILE B 176 4.76 -29.24 -12.70
C ILE B 176 5.35 -27.88 -12.99
N LEU B 177 6.11 -27.83 -14.09
CA LEU B 177 6.87 -26.65 -14.50
C LEU B 177 6.29 -26.06 -15.78
N ASP B 178 6.04 -24.75 -15.76
CA ASP B 178 5.52 -24.00 -16.92
C ASP B 178 4.13 -24.47 -17.38
N LEU B 179 3.10 -24.00 -16.68
CA LEU B 179 1.76 -24.47 -16.97
C LEU B 179 1.26 -24.05 -18.35
N ASN B 180 0.37 -24.89 -18.90
CA ASN B 180 -0.39 -24.54 -20.06
C ASN B 180 -1.81 -24.20 -19.64
N GLU B 181 -2.64 -23.83 -20.60
CA GLU B 181 -4.02 -23.43 -20.34
C GLU B 181 -4.78 -24.40 -19.46
N THR B 182 -4.80 -25.66 -19.89
CA THR B 182 -5.62 -26.67 -19.27
C THR B 182 -5.19 -26.79 -17.83
N GLU B 183 -3.87 -26.79 -17.63
CA GLU B 183 -3.33 -26.92 -16.28
C GLU B 183 -3.66 -25.69 -15.48
N ALA B 184 -3.62 -24.52 -16.12
CA ALA B 184 -3.99 -23.28 -15.45
C ALA B 184 -5.47 -23.25 -15.03
N MET B 185 -6.35 -23.63 -15.95
CA MET B 185 -7.78 -23.66 -15.68
C MET B 185 -8.22 -24.75 -14.70
N TRP B 186 -7.61 -25.93 -14.83
CA TRP B 186 -8.10 -27.13 -14.14
C TRP B 186 -7.20 -27.65 -13.00
N GLY B 187 -6.01 -27.10 -12.84
CA GLY B 187 -5.07 -27.54 -11.81
C GLY B 187 -5.44 -27.07 -10.41
N GLU B 188 -4.65 -27.52 -9.43
CA GLU B 188 -4.88 -27.21 -8.03
C GLU B 188 -4.11 -25.97 -7.61
N ALA B 189 -3.06 -25.63 -8.35
CA ALA B 189 -2.19 -24.49 -8.01
C ALA B 189 -1.48 -23.94 -9.24
N ASP B 190 -1.16 -22.64 -9.18
CA ASP B 190 -0.54 -21.88 -10.27
C ASP B 190 0.27 -20.74 -9.64
N MET B 191 1.59 -20.79 -9.81
CA MET B 191 2.54 -19.98 -9.06
C MET B 191 3.62 -19.35 -9.97
N PRO B 192 3.30 -18.20 -10.56
CA PRO B 192 4.25 -17.41 -11.34
C PRO B 192 5.36 -16.82 -10.48
N ILE B 193 6.59 -17.07 -10.90
CA ILE B 193 7.75 -16.57 -10.19
C ILE B 193 8.68 -15.93 -11.23
N ALA B 194 9.14 -14.71 -10.98
CA ALA B 194 10.19 -14.12 -11.84
C ALA B 194 11.36 -13.70 -10.99
N MET B 195 12.55 -13.75 -11.57
CA MET B 195 13.78 -13.38 -10.87
C MET B 195 14.76 -12.62 -11.75
N MET B 196 15.68 -11.93 -11.06
CA MET B 196 16.98 -11.56 -11.56
C MET B 196 17.93 -12.71 -11.15
N PRO B 197 18.11 -13.68 -12.06
CA PRO B 197 18.75 -14.94 -11.68
C PRO B 197 20.19 -14.81 -11.18
N SER B 198 20.99 -13.93 -11.79
CA SER B 198 22.35 -13.70 -11.29
C SER B 198 22.41 -13.01 -9.94
N LEU B 199 21.36 -12.30 -9.56
CA LEU B 199 21.33 -11.64 -8.25
C LEU B 199 20.55 -12.43 -7.24
N ASN B 200 20.03 -13.59 -7.65
CA ASN B 200 19.21 -14.44 -6.78
C ASN B 200 18.03 -13.67 -6.15
N GLN B 201 17.49 -12.70 -6.88
CA GLN B 201 16.42 -11.85 -6.35
C GLN B 201 15.15 -12.14 -7.10
N VAL B 202 14.06 -12.31 -6.35
CA VAL B 202 12.73 -12.49 -6.91
C VAL B 202 12.03 -11.16 -7.08
N THR B 203 11.43 -10.93 -8.25
CA THR B 203 10.80 -9.64 -8.59
C THR B 203 9.28 -9.75 -8.72
N LEU B 204 8.79 -10.94 -9.05
CA LEU B 204 7.36 -11.21 -9.09
C LEU B 204 7.18 -12.55 -8.44
N PHE B 205 6.16 -12.65 -7.60
CA PHE B 205 5.85 -13.89 -6.89
C PHE B 205 4.35 -13.93 -6.54
N GLN B 206 3.62 -14.86 -7.17
CA GLN B 206 2.22 -15.04 -6.86
C GLN B 206 1.84 -16.50 -6.79
N LEU B 207 0.77 -16.79 -6.06
CA LEU B 207 0.18 -18.12 -6.10
CA LEU B 207 0.18 -18.11 -6.11
C LEU B 207 -1.31 -17.97 -6.08
N ASN B 208 -1.98 -18.68 -6.98
CA ASN B 208 -3.42 -18.90 -6.83
C ASN B 208 -3.67 -20.40 -6.84
N GLY B 209 -4.63 -20.85 -6.06
CA GLY B 209 -4.87 -22.26 -5.84
C GLY B 209 -4.44 -22.53 -4.40
N SER B 210 -3.89 -23.73 -4.18
CA SER B 210 -3.60 -24.22 -2.84
CA SER B 210 -3.57 -24.20 -2.84
C SER B 210 -2.45 -25.22 -2.86
N MET B 211 -1.58 -25.13 -1.85
CA MET B 211 -0.41 -25.99 -1.78
C MET B 211 -0.07 -26.13 -0.33
N THR B 212 0.45 -27.30 0.04
CA THR B 212 1.05 -27.44 1.35
C THR B 212 2.36 -26.70 1.31
N PRO B 213 2.88 -26.30 2.48
CA PRO B 213 4.18 -25.64 2.50
C PRO B 213 5.31 -26.46 1.87
N ASP B 214 5.31 -27.79 2.06
CA ASP B 214 6.32 -28.63 1.42
C ASP B 214 6.18 -28.55 -0.10
N GLU B 215 4.96 -28.69 -0.61
CA GLU B 215 4.73 -28.55 -2.06
C GLU B 215 5.16 -27.19 -2.59
N PHE B 216 4.80 -26.14 -1.88
CA PHE B 216 5.22 -24.80 -2.24
C PHE B 216 6.74 -24.75 -2.46
N ARG B 217 7.49 -25.39 -1.56
CA ARG B 217 8.95 -25.38 -1.63
C ARG B 217 9.52 -26.27 -2.75
N GLN B 218 8.90 -27.43 -2.97
CA GLN B 218 9.25 -28.24 -4.14
C GLN B 218 9.05 -27.44 -5.41
N ALA B 219 7.93 -26.72 -5.47
CA ALA B 219 7.57 -26.01 -6.69
C ALA B 219 8.48 -24.84 -6.94
N PHE B 220 8.85 -24.11 -5.87
CA PHE B 220 9.74 -22.96 -5.92
CA PHE B 220 9.70 -22.95 -6.08
C PHE B 220 11.11 -23.41 -6.44
N ASP B 221 11.53 -24.57 -5.93
CA ASP B 221 12.81 -25.21 -6.32
C ASP B 221 12.83 -25.57 -7.81
N LEU B 222 11.72 -26.09 -8.32
CA LEU B 222 11.56 -26.40 -9.74
C LEU B 222 11.49 -25.14 -10.62
N ALA B 223 10.82 -24.10 -10.16
CA ALA B 223 10.82 -22.80 -10.85
C ALA B 223 12.24 -22.26 -11.18
N VAL B 224 13.11 -22.28 -10.17
CA VAL B 224 14.48 -21.79 -10.30
C VAL B 224 15.28 -22.50 -11.38
N LYS B 225 15.09 -23.81 -11.53
CA LYS B 225 15.66 -24.56 -12.63
C LYS B 225 15.17 -24.05 -13.99
N GLY B 226 13.85 -23.89 -14.14
CA GLY B 226 13.30 -23.41 -15.41
C GLY B 226 13.78 -22.00 -15.69
N ILE B 227 13.73 -21.17 -14.66
CA ILE B 227 14.13 -19.78 -14.78
C ILE B 227 15.56 -19.67 -15.31
N ASN B 228 16.46 -20.49 -14.80
CA ASN B 228 17.85 -20.44 -15.28
C ASN B 228 18.00 -20.91 -16.72
N ILE B 229 17.21 -21.91 -17.11
CA ILE B 229 17.17 -22.29 -18.53
C ILE B 229 16.70 -21.12 -19.38
N ILE B 230 15.62 -20.47 -18.95
CA ILE B 230 15.10 -19.32 -19.69
C ILE B 230 16.11 -18.15 -19.73
N TYR B 231 16.71 -17.84 -18.60
CA TYR B 231 17.75 -16.81 -18.51
C TYR B 231 18.85 -17.00 -19.55
N ASN B 232 19.32 -18.23 -19.70
CA ASN B 232 20.36 -18.52 -20.68
CA ASN B 232 20.36 -18.55 -20.70
C ASN B 232 19.87 -18.29 -22.11
N LEU B 233 18.60 -18.57 -22.37
CA LEU B 233 18.03 -18.25 -23.68
C LEU B 233 17.86 -16.75 -23.89
N GLU B 234 17.51 -16.01 -22.85
CA GLU B 234 17.46 -14.55 -22.95
C GLU B 234 18.82 -14.00 -23.28
N ARG B 235 19.84 -14.44 -22.53
CA ARG B 235 21.19 -13.95 -22.75
C ARG B 235 21.63 -14.20 -24.19
N GLU B 236 21.39 -15.41 -24.70
CA GLU B 236 21.85 -15.79 -26.04
C GLU B 236 21.04 -15.09 -27.11
N ALA B 237 19.78 -14.73 -26.79
CA ALA B 237 18.92 -14.03 -27.75
C ALA B 237 19.43 -12.61 -28.01
N LEU B 238 19.75 -11.93 -26.91
CA LEU B 238 20.35 -10.60 -26.92
C LEU B 238 21.73 -10.55 -27.57
N LYS B 239 22.51 -11.62 -27.40
CA LYS B 239 23.84 -11.68 -27.97
C LYS B 239 23.82 -12.01 -29.47
N SER B 240 22.71 -12.59 -29.93
CA SER B 240 22.65 -13.22 -31.25
C SER B 240 23.01 -12.31 -32.43
N LYS B 241 22.52 -11.08 -32.44
CA LYS B 241 22.74 -10.22 -33.61
C LYS B 241 24.16 -9.64 -33.69
N TYR B 242 24.94 -9.83 -32.62
CA TYR B 242 26.34 -9.42 -32.62
C TYR B 242 27.26 -10.64 -32.84
N VAL B 243 26.69 -11.83 -32.66
CA VAL B 243 27.30 -13.09 -33.07
C VAL B 243 26.85 -13.38 -34.52
N GLN D 9 -24.00 49.23 27.84
CA GLN D 9 -24.09 47.80 28.24
C GLN D 9 -23.02 46.96 27.52
N GLU D 10 -22.07 46.46 28.30
CA GLU D 10 -20.93 45.71 27.78
C GLU D 10 -20.42 44.67 28.81
N ILE D 11 -20.66 43.39 28.53
CA ILE D 11 -20.32 42.30 29.47
C ILE D 11 -19.68 41.08 28.79
N VAL D 12 -19.33 40.09 29.62
CA VAL D 12 -18.79 38.79 29.20
C VAL D 12 -19.58 37.67 29.91
N LEU D 13 -19.92 36.61 29.17
CA LEU D 13 -20.87 35.57 29.64
C LEU D 13 -20.27 34.32 30.32
N GLN D 14 -18.94 34.15 30.28
CA GLN D 14 -18.30 32.92 30.73
C GLN D 14 -17.02 33.18 31.56
N PRO D 15 -16.63 32.24 32.46
CA PRO D 15 -15.36 32.35 33.26
C PRO D 15 -14.03 31.82 32.61
N ARG D 16 -13.82 30.49 32.59
CA ARG D 16 -12.67 29.90 31.87
C ARG D 16 -13.18 28.70 31.04
N SER D 17 -14.25 28.95 30.29
CA SER D 17 -15.14 27.88 29.86
C SER D 17 -14.71 27.15 28.60
N ILE D 18 -15.11 25.88 28.51
CA ILE D 18 -14.94 25.13 27.27
C ILE D 18 -15.97 25.65 26.30
N VAL D 19 -15.50 25.92 25.09
CA VAL D 19 -16.22 26.73 24.14
C VAL D 19 -16.22 26.02 22.76
N VAL D 20 -17.09 26.49 21.87
CA VAL D 20 -17.54 25.67 20.77
C VAL D 20 -17.98 26.66 19.72
N PRO D 21 -17.90 26.28 18.43
CA PRO D 21 -18.29 27.20 17.35
C PRO D 21 -19.72 27.74 17.47
N GLY D 22 -19.91 28.99 17.07
CA GLY D 22 -21.18 29.67 17.24
C GLY D 22 -21.49 30.18 18.63
N GLU D 23 -20.66 29.86 19.62
CA GLU D 23 -20.98 30.15 21.02
C GLU D 23 -20.75 31.62 21.40
N LEU D 24 -21.76 32.23 22.02
CA LEU D 24 -21.69 33.65 22.37
C LEU D 24 -20.75 33.85 23.55
N LEU D 25 -19.79 34.77 23.38
CA LEU D 25 -18.78 35.06 24.40
C LEU D 25 -19.07 36.38 25.15
N ALA D 26 -19.47 37.41 24.41
CA ALA D 26 -19.56 38.77 24.95
C ALA D 26 -20.44 39.67 24.09
N GLU D 27 -20.99 40.72 24.73
CA GLU D 27 -21.81 41.72 24.06
C GLU D 27 -21.27 43.11 24.41
N GLY D 28 -21.32 44.02 23.44
CA GLY D 28 -20.79 45.37 23.61
C GLY D 28 -19.70 45.68 22.61
N GLU D 29 -19.29 46.95 22.55
CA GLU D 29 -18.25 47.38 21.63
C GLU D 29 -16.90 47.33 22.33
N PHE D 30 -16.29 46.14 22.35
CA PHE D 30 -14.94 46.00 22.88
C PHE D 30 -13.96 46.46 21.81
N GLN D 31 -12.72 46.72 22.20
CA GLN D 31 -11.67 47.18 21.28
C GLN D 31 -10.61 46.11 21.14
N ILE D 32 -11.03 44.93 20.67
CA ILE D 32 -10.20 43.73 20.68
C ILE D 32 -9.46 43.53 19.36
N PRO D 33 -8.19 43.11 19.43
CA PRO D 33 -7.46 42.71 18.23
C PRO D 33 -8.12 41.51 17.55
N TRP D 34 -8.06 41.49 16.23
CA TRP D 34 -8.64 40.41 15.45
C TRP D 34 -7.95 39.07 15.73
N SER D 35 -8.78 38.02 15.81
CA SER D 35 -8.34 36.65 16.02
C SER D 35 -9.16 35.73 15.12
N PRO D 36 -8.54 34.64 14.62
CA PRO D 36 -9.32 33.61 13.91
C PRO D 36 -10.30 32.83 14.80
N TYR D 37 -10.09 32.85 16.11
CA TYR D 37 -10.89 32.02 17.01
C TYR D 37 -12.13 32.75 17.53
N ILE D 38 -12.24 34.03 17.20
CA ILE D 38 -13.42 34.82 17.56
C ILE D 38 -14.02 35.50 16.33
N LEU D 39 -15.34 35.63 16.34
CA LEU D 39 -16.07 36.33 15.29
C LEU D 39 -16.93 37.44 15.91
N LYS D 40 -16.62 38.69 15.54
CA LYS D 40 -17.42 39.84 15.92
C LYS D 40 -18.50 40.02 14.86
N ILE D 41 -19.75 39.96 15.28
CA ILE D 41 -20.85 40.42 14.44
C ILE D 41 -21.54 41.57 15.18
N ASN D 42 -21.53 42.75 14.55
CA ASN D 42 -21.89 44.00 15.22
C ASN D 42 -21.42 44.03 16.69
N SER D 43 -22.33 44.05 17.66
CA SER D 43 -21.96 44.16 19.08
C SER D 43 -21.96 42.81 19.83
N LYS D 44 -21.75 41.71 19.10
CA LYS D 44 -21.63 40.39 19.70
C LYS D 44 -20.39 39.65 19.18
N TYR D 45 -19.77 38.90 20.09
CA TYR D 45 -18.54 38.17 19.82
C TYR D 45 -18.81 36.68 19.99
N TYR D 46 -18.35 35.88 19.03
CA TYR D 46 -18.60 34.44 19.07
C TYR D 46 -17.30 33.63 18.90
N SER D 47 -17.30 32.42 19.48
CA SER D 47 -16.23 31.46 19.23
C SER D 47 -16.42 30.76 17.88
N THR D 48 -15.34 30.70 17.12
CA THR D 48 -15.32 29.99 15.83
C THR D 48 -14.82 28.54 15.98
N VAL D 49 -14.38 28.18 17.18
CA VAL D 49 -13.69 26.91 17.39
C VAL D 49 -14.07 26.20 18.68
N VAL D 50 -13.68 24.93 18.74
CA VAL D 50 -13.66 24.24 19.99
C VAL D 50 -12.41 24.71 20.75
N GLY D 51 -12.65 25.38 21.87
CA GLY D 51 -11.56 26.03 22.59
C GLY D 51 -11.87 26.37 24.03
N LEU D 52 -11.08 27.30 24.56
CA LEU D 52 -11.10 27.65 25.97
C LEU D 52 -11.22 29.16 26.06
N PHE D 53 -12.29 29.62 26.70
CA PHE D 53 -12.48 31.05 26.87
C PHE D 53 -11.61 31.56 27.98
N ASP D 54 -10.83 32.59 27.68
CA ASP D 54 -9.92 33.15 28.65
C ASP D 54 -9.95 34.66 28.56
N VAL D 55 -9.71 35.30 29.69
CA VAL D 55 -9.84 36.74 29.79
C VAL D 55 -8.56 37.32 30.39
N LYS D 56 -8.16 38.47 29.88
CA LYS D 56 -6.89 39.10 30.22
C LYS D 56 -7.11 40.60 30.34
N ASP D 57 -6.92 41.10 31.56
CA ASP D 57 -7.26 42.47 31.90
C ASP D 57 -8.69 42.81 31.43
N THR D 58 -8.81 43.62 30.38
CA THR D 58 -10.12 44.03 29.86
C THR D 58 -10.42 43.41 28.48
N GLN D 59 -9.47 42.62 27.97
CA GLN D 59 -9.59 41.94 26.69
C GLN D 59 -10.01 40.48 26.93
N PHE D 60 -10.05 39.67 25.87
CA PHE D 60 -10.32 38.23 26.02
C PHE D 60 -10.02 37.48 24.72
N GLU D 61 -10.03 36.16 24.80
CA GLU D 61 -9.63 35.33 23.67
C GLU D 61 -10.14 33.90 23.80
N VAL D 62 -10.09 33.17 22.69
CA VAL D 62 -10.38 31.75 22.72
C VAL D 62 -9.08 31.04 22.42
N ILE D 63 -8.73 30.08 23.28
CA ILE D 63 -7.54 29.29 23.11
C ILE D 63 -8.01 28.01 22.44
N PRO D 64 -7.62 27.80 21.17
CA PRO D 64 -8.15 26.63 20.49
C PRO D 64 -7.64 25.35 21.14
N LEU D 65 -8.54 24.37 21.29
CA LEU D 65 -8.22 23.07 21.87
C LEU D 65 -7.99 22.02 20.79
N GLU D 66 -8.20 22.44 19.55
CA GLU D 66 -8.36 21.53 18.46
C GLU D 66 -7.61 22.15 17.31
N GLY D 67 -7.11 21.33 16.38
CA GLY D 67 -6.37 21.86 15.23
C GLY D 67 -4.96 21.31 15.10
N SER D 68 -4.67 20.76 13.93
CA SER D 68 -3.39 20.11 13.68
C SER D 68 -2.47 20.87 12.73
N PHE D 69 -2.98 21.95 12.13
CA PHE D 69 -2.19 22.81 11.25
C PHE D 69 -1.59 23.98 12.04
N TYR D 70 -0.49 24.51 11.53
CA TYR D 70 0.18 25.68 12.07
C TYR D 70 -0.06 26.86 11.13
N TYR D 71 -0.47 28.01 11.66
CA TYR D 71 -0.61 29.17 10.77
C TYR D 71 0.63 30.04 10.84
N PRO D 72 1.33 30.18 9.71
CA PRO D 72 2.59 30.92 9.69
C PRO D 72 2.50 32.35 10.24
N LYS D 73 3.59 32.80 10.85
CA LYS D 73 3.81 34.19 11.29
C LYS D 73 5.29 34.55 11.05
N ILE D 74 5.56 35.78 10.64
CA ILE D 74 6.94 36.20 10.37
C ILE D 74 7.74 36.25 11.68
N ASN D 75 8.97 35.77 11.60
CA ASN D 75 9.88 35.67 12.74
C ASN D 75 9.60 34.47 13.68
N ASP D 76 8.69 33.57 13.29
CA ASP D 76 8.53 32.32 14.05
C ASP D 76 9.71 31.42 13.72
N ILE D 77 10.24 30.78 14.76
CA ILE D 77 11.24 29.74 14.63
C ILE D 77 10.44 28.48 14.45
N VAL D 78 10.80 27.71 13.43
CA VAL D 78 9.96 26.66 12.92
C VAL D 78 10.89 25.55 12.47
N ILE D 79 10.53 24.29 12.71
CA ILE D 79 11.34 23.18 12.22
C ILE D 79 10.58 22.45 11.10
N GLY D 80 11.25 22.36 9.96
CA GLY D 80 10.62 21.92 8.76
C GLY D 80 11.20 20.61 8.31
N LEU D 81 10.44 19.94 7.45
CA LEU D 81 10.89 18.74 6.81
C LEU D 81 11.07 19.07 5.33
N VAL D 82 12.27 18.83 4.81
CA VAL D 82 12.54 19.07 3.41
C VAL D 82 11.76 18.06 2.60
N GLU D 83 11.02 18.54 1.61
CA GLU D 83 10.18 17.68 0.76
C GLU D 83 10.71 17.57 -0.67
N ASP D 84 11.12 18.71 -1.23
CA ASP D 84 11.65 18.74 -2.59
C ASP D 84 12.91 19.58 -2.63
N VAL D 85 13.86 19.17 -3.45
CA VAL D 85 15.07 19.96 -3.71
C VAL D 85 14.93 20.52 -5.11
N GLU D 86 14.51 21.78 -5.19
CA GLU D 86 14.31 22.48 -6.46
C GLU D 86 15.66 23.00 -6.99
N ILE D 87 15.66 23.57 -8.19
CA ILE D 87 16.90 23.98 -8.85
C ILE D 87 17.62 25.12 -8.12
N TYR D 88 16.85 26.03 -7.52
CA TYR D 88 17.43 27.19 -6.85
C TYR D 88 17.01 27.30 -5.37
N GLY D 89 16.75 26.17 -4.73
CA GLY D 89 16.35 26.13 -3.31
C GLY D 89 15.58 24.88 -2.94
N TRP D 90 14.92 24.89 -1.78
CA TRP D 90 14.26 23.70 -1.24
C TRP D 90 12.85 23.97 -0.72
N VAL D 91 11.91 23.09 -1.05
CA VAL D 91 10.52 23.20 -0.59
C VAL D 91 10.35 22.46 0.72
N VAL D 92 9.83 23.16 1.73
CA VAL D 92 9.81 22.63 3.11
C VAL D 92 8.40 22.48 3.66
N ASP D 93 8.20 21.37 4.37
CA ASP D 93 7.00 21.11 5.13
C ASP D 93 7.17 21.63 6.53
N ILE D 94 6.41 22.67 6.84
CA ILE D 94 6.39 23.23 8.18
C ILE D 94 5.02 22.98 8.86
N LYS D 95 4.31 21.94 8.41
CA LYS D 95 3.02 21.55 8.99
C LYS D 95 1.96 22.67 8.96
N ALA D 96 2.06 23.52 7.95
CA ALA D 96 1.10 24.58 7.70
C ALA D 96 0.28 24.26 6.44
N PRO D 97 -0.84 24.98 6.23
CA PRO D 97 -1.60 24.84 4.99
C PRO D 97 -0.82 25.27 3.76
N TYR D 98 0.34 25.86 3.97
CA TYR D 98 1.19 26.29 2.89
C TYR D 98 2.58 25.70 3.08
N LYS D 99 3.13 25.19 1.99
CA LYS D 99 4.52 24.77 1.98
C LYS D 99 5.41 25.99 2.01
N ALA D 100 6.57 25.82 2.64
CA ALA D 100 7.55 26.86 2.81
C ALA D 100 8.69 26.58 1.85
N TYR D 101 9.49 27.61 1.56
CA TYR D 101 10.60 27.48 0.62
C TYR D 101 11.83 28.17 1.20
N LEU D 102 12.97 27.49 1.14
CA LEU D 102 14.24 28.05 1.59
C LEU D 102 15.13 28.24 0.37
N PRO D 103 15.49 29.48 0.04
CA PRO D 103 16.25 29.67 -1.18
C PRO D 103 17.72 29.35 -0.95
N ALA D 104 18.36 28.76 -1.96
CA ALA D 104 19.72 28.26 -1.81
C ALA D 104 20.66 29.39 -1.41
N SER D 105 20.55 30.52 -2.12
CA SER D 105 21.36 31.71 -1.84
C SER D 105 21.35 32.14 -0.36
N ASN D 106 20.25 31.87 0.36
CA ASN D 106 20.18 32.15 1.80
C ASN D 106 21.09 31.23 2.60
N LEU D 107 20.89 29.92 2.43
CA LEU D 107 21.62 28.93 3.22
C LEU D 107 23.11 28.93 2.89
N LEU D 108 23.43 29.31 1.66
CA LEU D 108 24.81 29.40 1.19
C LEU D 108 25.46 30.73 1.59
N GLY D 109 24.74 31.83 1.39
CA GLY D 109 25.29 33.18 1.59
C GLY D 109 25.81 33.80 0.29
N ARG D 110 25.35 33.26 -0.84
CA ARG D 110 25.76 33.75 -2.17
C ARG D 110 24.97 33.01 -3.24
N SER D 111 24.95 33.57 -4.45
CA SER D 111 24.20 32.99 -5.56
C SER D 111 24.71 31.60 -5.92
N ILE D 112 23.85 30.79 -6.52
CA ILE D 112 24.21 29.45 -6.97
C ILE D 112 25.35 29.50 -8.00
N ASN D 113 26.13 28.43 -8.05
CA ASN D 113 27.20 28.28 -9.03
C ASN D 113 26.87 27.24 -10.10
N VAL D 114 27.50 27.41 -11.26
CA VAL D 114 27.39 26.46 -12.37
C VAL D 114 27.60 25.02 -11.88
N GLY D 115 28.75 24.77 -11.25
CA GLY D 115 29.13 23.43 -10.80
C GLY D 115 28.63 23.09 -9.40
N GLU D 116 27.30 23.04 -9.23
CA GLU D 116 26.67 22.78 -7.95
C GLU D 116 25.82 21.51 -8.05
N ASP D 117 24.58 21.56 -7.55
CA ASP D 117 23.60 20.47 -7.66
C ASP D 117 23.70 19.39 -6.58
N LEU D 118 24.57 19.62 -5.59
CA LEU D 118 24.65 18.73 -4.44
C LEU D 118 23.42 18.92 -3.55
N ARG D 119 23.07 17.85 -2.83
CA ARG D 119 22.09 17.94 -1.75
C ARG D 119 22.80 17.77 -0.40
N ARG D 120 24.13 17.79 -0.43
CA ARG D 120 24.96 17.64 0.77
C ARG D 120 24.68 18.73 1.81
N TYR D 121 24.05 19.83 1.37
CA TYR D 121 23.52 20.83 2.27
C TYR D 121 22.22 20.34 2.90
N LEU D 122 21.22 20.04 2.08
CA LEU D 122 19.94 19.49 2.54
C LEU D 122 19.29 18.58 1.49
N ASP D 123 18.83 17.41 1.93
CA ASP D 123 18.11 16.47 1.07
C ASP D 123 16.68 16.25 1.59
N VAL D 124 15.91 15.45 0.86
CA VAL D 124 14.59 15.00 1.29
C VAL D 124 14.72 14.11 2.52
N GLY D 125 13.88 14.36 3.52
CA GLY D 125 13.91 13.59 4.76
C GLY D 125 14.72 14.25 5.85
N ASP D 126 15.52 15.26 5.48
CA ASP D 126 16.21 16.11 6.45
C ASP D 126 15.22 17.04 7.12
N TYR D 127 15.43 17.26 8.41
CA TYR D 127 14.83 18.40 9.12
C TYR D 127 15.72 19.66 9.03
N VAL D 128 15.07 20.84 9.05
CA VAL D 128 15.75 22.14 9.13
C VAL D 128 15.10 22.94 10.24
N ILE D 129 15.91 23.56 11.08
CA ILE D 129 15.38 24.57 11.97
C ILE D 129 15.55 25.89 11.23
N ALA D 130 14.48 26.67 11.13
CA ALA D 130 14.54 27.93 10.36
C ALA D 130 13.57 28.98 10.86
N ARG D 131 13.84 30.22 10.46
CA ARG D 131 12.96 31.33 10.76
C ARG D 131 12.22 31.75 9.47
N ILE D 132 10.96 32.14 9.65
CA ILE D 132 10.13 32.63 8.56
C ILE D 132 10.51 34.08 8.31
N GLU D 133 11.11 34.34 7.15
CA GLU D 133 11.59 35.70 6.81
C GLU D 133 10.49 36.51 6.13
N ASN D 134 9.63 35.82 5.41
CA ASN D 134 8.54 36.47 4.69
C ASN D 134 7.30 35.58 4.68
N PHE D 135 6.15 36.19 4.94
CA PHE D 135 4.86 35.53 4.79
C PHE D 135 3.72 36.54 4.93
N ASP D 136 2.67 36.32 4.14
CA ASP D 136 1.39 37.03 4.26
C ASP D 136 0.31 36.36 3.39
N ARG D 137 -0.92 36.85 3.48
CA ARG D 137 -2.06 36.25 2.78
C ARG D 137 -1.85 35.97 1.30
N SER D 138 -0.92 36.69 0.66
CA SER D 138 -0.71 36.61 -0.79
C SER D 138 0.35 35.57 -1.24
N ILE D 139 1.27 35.20 -0.35
CA ILE D 139 2.46 34.40 -0.71
C ILE D 139 2.74 33.24 0.26
N ASP D 140 3.44 32.22 -0.24
CA ASP D 140 3.89 31.12 0.60
C ASP D 140 5.08 31.55 1.43
N PRO D 141 5.18 31.01 2.66
CA PRO D 141 6.22 31.39 3.62
C PRO D 141 7.65 31.13 3.14
N VAL D 142 8.50 32.14 3.25
CA VAL D 142 9.90 32.06 2.84
C VAL D 142 10.77 31.95 4.09
N LEU D 143 11.75 31.05 4.04
CA LEU D 143 12.58 30.71 5.18
C LEU D 143 14.00 31.27 5.10
N SER D 144 14.58 31.52 6.26
CA SER D 144 15.98 31.89 6.36
C SER D 144 16.67 31.01 7.41
N VAL D 145 17.88 30.56 7.09
CA VAL D 145 18.68 29.74 7.99
C VAL D 145 19.74 30.55 8.77
N LYS D 146 19.67 31.88 8.70
CA LYS D 146 20.77 32.75 9.20
C LYS D 146 21.09 32.61 10.70
N GLY D 147 20.08 32.77 11.57
CA GLY D 147 20.27 32.74 13.04
C GLY D 147 21.08 31.60 13.65
N LYS D 148 21.51 31.78 14.90
CA LYS D 148 22.29 30.75 15.60
C LYS D 148 21.42 29.54 15.96
N ASP D 149 22.03 28.35 15.86
CA ASP D 149 21.33 27.07 16.11
C ASP D 149 20.17 26.81 15.12
N LEU D 150 20.35 27.27 13.88
CA LEU D 150 19.45 26.97 12.76
C LEU D 150 20.15 26.12 11.70
N GLY D 151 19.38 25.61 10.75
CA GLY D 151 19.90 24.78 9.67
C GLY D 151 19.64 23.31 9.90
N ARG D 152 20.35 22.47 9.13
CA ARG D 152 20.11 21.03 9.13
C ARG D 152 20.17 20.48 10.54
N VAL D 153 19.20 19.65 10.88
CA VAL D 153 19.26 18.91 12.13
C VAL D 153 20.06 17.63 11.88
N SER D 154 21.29 17.59 12.37
CA SER D 154 22.07 16.37 12.33
C SER D 154 21.53 15.42 13.38
N ASN D 155 21.90 15.64 14.65
CA ASN D 155 21.51 14.75 15.77
C ASN D 155 20.04 14.91 16.24
N GLY D 156 19.66 14.15 17.27
CA GLY D 156 18.40 14.36 18.01
C GLY D 156 17.21 13.56 17.52
N ILE D 157 16.06 13.71 18.20
CA ILE D 157 14.76 13.24 17.72
C ILE D 157 13.89 14.44 17.34
N VAL D 158 12.74 14.18 16.73
CA VAL D 158 11.75 15.23 16.50
C VAL D 158 10.35 14.71 16.78
N ILE D 159 9.75 15.26 17.83
CA ILE D 159 8.46 14.82 18.30
C ILE D 159 7.44 15.78 17.76
N ASP D 160 6.37 15.23 17.19
CA ASP D 160 5.30 16.00 16.57
C ASP D 160 4.05 16.15 17.47
N ILE D 161 3.57 17.40 17.61
CA ILE D 161 2.38 17.72 18.41
C ILE D 161 1.51 18.78 17.70
N MET D 162 0.32 19.03 18.23
CA MET D 162 -0.54 20.09 17.69
C MET D 162 0.07 21.46 17.98
N PRO D 163 0.24 22.31 16.95
CA PRO D 163 0.77 23.68 17.14
C PRO D 163 -0.01 24.51 18.19
N VAL D 164 -1.32 24.35 18.12
CA VAL D 164 -2.26 24.78 19.15
C VAL D 164 -1.82 24.48 20.58
N LYS D 165 -1.08 23.38 20.76
CA LYS D 165 -0.62 22.93 22.09
C LYS D 165 0.75 23.50 22.53
N VAL D 166 1.41 24.24 21.65
CA VAL D 166 2.77 24.73 21.92
C VAL D 166 2.89 25.64 23.16
N PRO D 167 1.94 26.57 23.35
CA PRO D 167 2.02 27.44 24.52
C PRO D 167 1.89 26.70 25.85
N ARG D 168 1.22 25.55 25.83
CA ARG D 168 1.12 24.70 27.01
C ARG D 168 2.45 23.99 27.31
N VAL D 169 3.15 23.59 26.25
CA VAL D 169 4.41 22.86 26.37
C VAL D 169 5.54 23.77 26.87
N ILE D 170 5.56 24.99 26.36
CA ILE D 170 6.45 26.01 26.89
C ILE D 170 6.06 26.27 28.35
N GLY D 171 4.79 26.59 28.56
CA GLY D 171 4.27 26.85 29.91
C GLY D 171 4.61 28.25 30.37
N LYS D 172 3.64 28.89 31.02
CA LYS D 172 3.74 30.31 31.38
C LYS D 172 5.12 30.63 31.98
N ASN D 173 5.90 31.45 31.27
CA ASN D 173 7.29 31.74 31.65
C ASN D 173 8.16 30.47 31.56
N LYS D 174 8.09 29.81 30.40
CA LYS D 174 8.85 28.58 30.10
C LYS D 174 8.92 27.58 31.25
N SER D 175 7.81 27.42 31.96
CA SER D 175 7.77 26.60 33.18
C SER D 175 7.46 25.13 32.94
N MET D 176 6.62 24.83 31.95
CA MET D 176 6.48 23.45 31.50
C MET D 176 7.78 23.02 30.84
N TYR D 177 8.34 23.92 30.03
CA TYR D 177 9.64 23.66 29.42
C TYR D 177 10.63 23.24 30.53
N GLU D 178 10.63 23.95 31.66
CA GLU D 178 11.54 23.64 32.75
C GLU D 178 11.31 22.22 33.28
N THR D 179 10.07 21.87 33.58
CA THR D 179 9.74 20.58 34.19
C THR D 179 9.91 19.40 33.24
N LEU D 180 10.02 19.70 31.95
CA LEU D 180 10.47 18.69 30.98
C LEU D 180 12.00 18.51 31.03
N THR D 181 12.73 19.62 30.86
CA THR D 181 14.19 19.58 30.67
C THR D 181 14.96 19.27 31.95
N SER D 182 14.27 19.33 33.09
CA SER D 182 14.82 18.91 34.38
C SER D 182 14.81 17.38 34.51
N LYS D 183 13.80 16.74 33.92
CA LYS D 183 13.68 15.28 33.90
C LYS D 183 14.42 14.68 32.68
N SER D 184 14.09 15.15 31.48
CA SER D 184 14.79 14.68 30.26
C SER D 184 16.11 15.42 30.06
N ILE D 188 15.70 19.65 24.52
CA ILE D 188 14.31 19.80 24.07
C ILE D 188 14.00 21.23 23.62
N PHE D 189 13.99 21.46 22.30
CA PHE D 189 13.59 22.76 21.76
C PHE D 189 12.15 22.71 21.24
N VAL D 190 11.34 23.69 21.65
CA VAL D 190 9.94 23.79 21.27
C VAL D 190 9.73 24.85 20.19
N ALA D 191 9.40 24.40 18.98
CA ALA D 191 9.17 25.33 17.87
C ALA D 191 7.70 25.72 17.83
N ASN D 192 7.44 26.86 17.20
CA ASN D 192 6.08 27.38 17.04
C ASN D 192 5.18 26.49 16.17
N ASN D 193 5.73 25.36 15.77
CA ASN D 193 5.30 24.57 14.65
C ASN D 193 4.56 23.33 15.10
N GLY D 194 4.48 23.13 16.40
CA GLY D 194 4.03 21.85 16.93
C GLY D 194 5.05 20.74 16.66
N ARG D 195 6.33 21.10 16.70
CA ARG D 195 7.43 20.14 16.64
C ARG D 195 8.49 20.46 17.68
N ILE D 196 9.04 19.42 18.31
CA ILE D 196 10.12 19.61 19.28
C ILE D 196 11.34 18.70 19.00
N TRP D 197 12.51 19.32 18.94
CA TRP D 197 13.79 18.62 18.78
C TRP D 197 14.24 18.08 20.13
N ALA D 198 14.95 16.95 20.12
CA ALA D 198 15.54 16.42 21.36
C ALA D 198 16.74 15.51 21.06
N PHE D 204 19.14 11.99 26.84
CA PHE D 204 19.99 10.92 27.35
C PHE D 204 19.60 9.60 26.67
N SER D 205 19.87 8.47 27.33
CA SER D 205 19.68 7.15 26.73
C SER D 205 18.22 6.69 26.79
N GLU D 206 17.55 6.77 25.63
CA GLU D 206 16.15 6.32 25.46
C GLU D 206 15.28 6.55 26.69
N GLU D 207 15.27 7.78 27.18
CA GLU D 207 14.31 8.23 28.16
C GLU D 207 13.09 8.76 27.39
N ILE D 208 11.91 8.22 27.70
CA ILE D 208 10.66 8.46 26.94
C ILE D 208 9.95 9.77 27.30
N LEU D 209 10.58 10.87 26.94
CA LEU D 209 10.00 12.20 27.13
C LEU D 209 8.63 12.28 26.48
N ILE D 210 8.54 11.72 25.27
CA ILE D 210 7.32 11.79 24.45
C ILE D 210 6.05 11.21 25.10
N GLU D 211 6.19 10.11 25.83
CA GLU D 211 5.06 9.51 26.55
C GLU D 211 4.43 10.58 27.45
N ALA D 212 5.27 11.48 27.96
CA ALA D 212 4.81 12.61 28.76
C ALA D 212 4.19 13.70 27.88
N ILE D 213 4.95 14.20 26.92
CA ILE D 213 4.51 15.34 26.11
C ILE D 213 3.20 15.07 25.32
N ARG D 214 2.92 13.79 25.05
CA ARG D 214 1.62 13.39 24.50
C ARG D 214 0.51 13.49 25.54
N LYS D 215 0.83 13.18 26.79
CA LYS D 215 -0.13 13.31 27.89
C LYS D 215 -0.56 14.75 28.12
N ILE D 216 0.30 15.71 27.75
CA ILE D 216 -0.02 17.12 27.94
C ILE D 216 -0.93 17.61 26.79
N GLU D 217 -0.68 17.10 25.59
CA GLU D 217 -1.62 17.25 24.47
C GLU D 217 -3.02 16.83 24.89
N ASN D 218 -3.13 15.64 25.46
CA ASN D 218 -4.41 15.03 25.78
C ASN D 218 -4.82 15.25 27.22
N GLU D 219 -4.34 16.35 27.81
CA GLU D 219 -4.83 16.83 29.12
C GLU D 219 -4.62 18.34 29.34
N SER D 220 -4.40 19.10 28.26
CA SER D 220 -4.06 20.53 28.33
C SER D 220 -5.08 21.37 29.10
N HIS D 221 -6.33 20.94 29.05
CA HIS D 221 -7.44 21.64 29.69
C HIS D 221 -7.54 21.51 31.23
N ILE D 222 -6.56 20.86 31.87
CA ILE D 222 -6.63 20.59 33.32
C ILE D 222 -5.40 21.17 34.04
N LYS D 223 -5.54 21.57 35.30
CA LYS D 223 -4.42 22.04 36.16
C LYS D 223 -3.40 22.94 35.45
OH2 1PE E . -10.50 2.87 17.66
C12 1PE E . -9.21 2.25 17.84
C22 1PE E . -9.07 1.65 19.25
OH3 1PE E . -9.88 0.46 19.42
C13 1PE E . -11.96 -0.51 20.19
C23 1PE E . -11.08 0.74 20.16
OH4 1PE E . -13.30 -0.17 19.80
C14 1PE E . -15.04 -1.40 18.67
C24 1PE E . -14.19 -1.28 19.93
OH5 1PE E . -15.62 -0.13 18.35
C15 1PE E . -17.17 1.01 16.85
C25 1PE E . -16.86 -0.26 17.63
OH6 1PE E . -15.98 1.65 16.38
C16 1PE E . -15.55 4.01 16.47
C26 1PE E . -16.27 2.89 15.72
OH7 1PE E . -14.16 4.04 16.14
#